data_2PGO
#
_entry.id   2PGO
#
_cell.length_a   123.600
_cell.length_b   123.600
_cell.length_c   144.300
_cell.angle_alpha   90.00
_cell.angle_beta   90.00
_cell.angle_gamma   90.00
#
_symmetry.space_group_name_H-M   'P 41 21 2'
#
loop_
_entity.id
_entity.type
_entity.pdbx_description
1 polymer 'Cyclohexane-1,2-dione Hydrolase (Cdh)'
2 non-polymer 'MAGNESIUM ION'
3 non-polymer 'CHLORIDE ION'
4 non-polymer 'FLAVIN-ADENINE DINUCLEOTIDE'
5 non-polymer 'THIAMINE DIPHOSPHATE'
6 non-polymer (4S)-2-METHYL-2,4-PENTANEDIOL
7 non-polymer 'PHOSPHATE ION'
8 water water
#
_entity_poly.entity_id   1
_entity_poly.type   'polypeptide(L)'
_entity_poly.pdbx_seq_one_letter_code
;MAIKRGADLIVEALEEYGTEQVVGFIGHTSHFVADAFSKSHLGKRVINPATELGGAWMVNGYNYVKDRSAAVGAWHCVGN
LLLHAAMQEARTGRIPAVHIGLNSDGRLAGRSEAAQQVPWQSFTPIARSTQRVERLDKVGEAIHEAFRVAEGHPAGPAYV
DIPFDLTADQIDDKALVPRGATRAKSVLHAPNEDVREAAAQLVAAKNPVILAGGGVARSGGSEALLKLAEMVGVPVVTTS
TGAGVFPETHALAMGSAGFCGWKSANDMMAAADFVLVLGSRLSDWGIAQGYITKMPKFVHVDTDPAVLGTFYFPLLSVVA
DAKTFMEQLIEVLPGTSGFKAVRYQERENFRQATEFRAAWDGWVREQESGDGMPASMFRAMAEVRKVQRPEDIIVTDIGN
HTLPMFGGAILQRPRRLVTSMAEGILGCGFPMALGAQLAEPNSRVFLGTGDGALYYHFNEFRVAVEHKLPVITMVFTNES
YGANWTLMNHQFGQNNWTEFMNPDWVGIAKAFGAYGESVRETGDIAGALQRAIDSGKPALIEIPVSKTQGLASDPVGGVG
PNLLLKGREIPVDTGGSMYPGENLLHLKS
;
_entity_poly.pdbx_strand_id   A,B
#
loop_
_chem_comp.id
_chem_comp.type
_chem_comp.name
_chem_comp.formula
CL non-polymer 'CHLORIDE ION' 'Cl -1'
FAD non-polymer 'FLAVIN-ADENINE DINUCLEOTIDE' 'C27 H33 N9 O15 P2'
MG non-polymer 'MAGNESIUM ION' 'Mg 2'
MPD non-polymer (4S)-2-METHYL-2,4-PENTANEDIOL 'C6 H14 O2'
PO4 non-polymer 'PHOSPHATE ION' 'O4 P -3'
TPP non-polymer 'THIAMINE DIPHOSPHATE' 'C12 H19 N4 O7 P2 S 1'
#
# COMPACT_ATOMS: atom_id res chain seq x y z
N ALA A 2 -13.76 -15.90 34.25
CA ALA A 2 -14.45 -16.76 33.29
C ALA A 2 -13.50 -17.04 32.14
N ILE A 3 -13.52 -18.25 31.60
CA ILE A 3 -12.66 -18.57 30.44
C ILE A 3 -13.20 -17.81 29.25
N LYS A 4 -12.32 -17.08 28.51
CA LYS A 4 -12.65 -16.35 27.31
C LYS A 4 -11.61 -16.54 26.19
N ARG A 5 -12.05 -16.50 24.93
CA ARG A 5 -11.15 -16.52 23.78
C ARG A 5 -10.43 -15.17 23.67
N GLY A 6 -9.19 -15.21 23.19
CA GLY A 6 -8.47 -13.99 22.90
C GLY A 6 -9.23 -13.02 22.05
N ALA A 7 -9.91 -13.49 21.00
CA ALA A 7 -10.66 -12.59 20.14
C ALA A 7 -11.72 -11.81 20.92
N ASP A 8 -12.41 -12.48 21.86
CA ASP A 8 -13.42 -11.79 22.66
C ASP A 8 -12.79 -10.74 23.59
N LEU A 9 -11.64 -11.06 24.13
CA LEU A 9 -10.91 -10.13 25.00
C LEU A 9 -10.50 -8.88 24.24
N ILE A 10 -10.07 -9.05 22.96
CA ILE A 10 -9.71 -7.90 22.10
C ILE A 10 -10.92 -6.97 21.93
N VAL A 11 -12.07 -7.58 21.60
CA VAL A 11 -13.26 -6.78 21.42
C VAL A 11 -13.65 -6.07 22.71
N GLU A 12 -13.58 -6.78 23.85
CA GLU A 12 -13.88 -6.11 25.12
C GLU A 12 -12.97 -4.94 25.39
N ALA A 13 -11.67 -5.08 25.12
CA ALA A 13 -10.73 -3.96 25.34
C ALA A 13 -11.06 -2.78 24.42
N LEU A 14 -11.33 -3.06 23.15
CA LEU A 14 -11.68 -1.99 22.22
C LEU A 14 -12.95 -1.26 22.67
N GLU A 15 -13.95 -1.96 23.16
CA GLU A 15 -15.14 -1.31 23.68
C GLU A 15 -14.85 -0.48 24.93
N GLU A 16 -14.02 -1.00 25.84
CA GLU A 16 -13.68 -0.30 27.08
C GLU A 16 -13.05 1.08 26.81
N TYR A 17 -12.23 1.16 25.74
CA TYR A 17 -11.49 2.37 25.42
C TYR A 17 -12.21 3.27 24.40
N GLY A 18 -13.49 3.02 24.16
CA GLY A 18 -14.34 3.98 23.45
C GLY A 18 -14.50 3.79 21.97
N THR A 19 -14.13 2.62 21.43
CA THR A 19 -14.26 2.42 20.00
C THR A 19 -15.72 2.54 19.58
N GLU A 20 -15.98 3.27 18.51
CA GLU A 20 -17.28 3.48 17.92
C GLU A 20 -17.48 2.81 16.57
N GLN A 21 -16.40 2.65 15.82
CA GLN A 21 -16.45 2.21 14.42
C GLN A 21 -15.26 1.31 14.16
N VAL A 22 -15.49 0.15 13.58
CA VAL A 22 -14.45 -0.75 13.12
C VAL A 22 -14.40 -0.71 11.59
N VAL A 23 -13.17 -0.65 11.07
CA VAL A 23 -12.90 -0.87 9.65
C VAL A 23 -12.01 -2.13 9.60
N GLY A 24 -12.54 -3.20 8.98
CA GLY A 24 -11.90 -4.48 9.08
C GLY A 24 -11.85 -5.21 7.77
N PHE A 25 -10.82 -6.07 7.62
CA PHE A 25 -10.66 -6.86 6.42
C PHE A 25 -10.46 -8.31 6.79
N ILE A 26 -11.28 -9.17 6.16
CA ILE A 26 -11.30 -10.60 6.49
C ILE A 26 -10.15 -11.38 5.85
N GLY A 27 -9.80 -12.45 6.57
CA GLY A 27 -8.90 -13.49 6.15
C GLY A 27 -8.78 -14.46 7.31
N HIS A 28 -8.20 -15.64 7.09
CA HIS A 28 -8.21 -16.63 8.18
C HIS A 28 -7.61 -16.10 9.50
N THR A 29 -6.63 -15.19 9.43
CA THR A 29 -6.05 -14.67 10.66
C THR A 29 -6.97 -13.70 11.41
N SER A 30 -7.93 -13.06 10.70
CA SER A 30 -8.91 -12.20 11.34
C SER A 30 -10.26 -12.89 11.55
N HIS A 31 -10.40 -14.19 11.24
CA HIS A 31 -11.69 -14.87 11.40
C HIS A 31 -12.21 -14.81 12.83
N PHE A 32 -11.37 -15.12 13.82
CA PHE A 32 -11.88 -15.15 15.18
C PHE A 32 -12.26 -13.77 15.66
N VAL A 33 -11.49 -12.74 15.31
CA VAL A 33 -11.81 -11.36 15.64
C VAL A 33 -13.13 -10.94 14.97
N ALA A 34 -13.35 -11.27 13.69
CA ALA A 34 -14.61 -10.94 13.02
C ALA A 34 -15.80 -11.63 13.73
N ASP A 35 -15.64 -12.90 14.06
CA ASP A 35 -16.66 -13.66 14.78
C ASP A 35 -16.98 -12.96 16.13
N ALA A 36 -15.92 -12.57 16.87
CA ALA A 36 -16.13 -11.89 18.16
C ALA A 36 -16.85 -10.55 17.99
N PHE A 37 -16.48 -9.79 16.97
CA PHE A 37 -17.17 -8.53 16.71
C PHE A 37 -18.65 -8.73 16.40
N SER A 38 -19.01 -9.87 15.82
CA SER A 38 -20.41 -10.12 15.44
C SER A 38 -21.30 -10.24 16.66
N LYS A 39 -20.72 -10.51 17.82
CA LYS A 39 -21.45 -10.64 19.07
C LYS A 39 -21.55 -9.32 19.82
N SER A 40 -20.89 -8.30 19.31
CA SER A 40 -20.82 -6.99 19.93
C SER A 40 -21.69 -6.04 19.16
N HIS A 41 -22.13 -4.95 19.78
CA HIS A 41 -22.85 -3.92 19.06
C HIS A 41 -21.98 -3.25 17.99
N LEU A 42 -20.66 -3.36 18.04
CA LEU A 42 -19.78 -2.85 16.93
C LEU A 42 -19.92 -3.69 15.62
N GLY A 43 -20.37 -4.94 15.67
CA GLY A 43 -20.53 -5.71 14.51
CA GLY A 43 -20.24 -5.88 14.49
C GLY A 43 -21.42 -5.06 13.49
C GLY A 43 -21.00 -5.69 13.17
N LYS A 44 -22.54 -4.47 13.92
N LYS A 44 -22.28 -5.45 13.30
CA LYS A 44 -23.63 -4.27 12.93
CA LYS A 44 -23.16 -5.09 12.20
C LYS A 44 -23.26 -3.44 11.81
C LYS A 44 -22.79 -3.76 11.47
N ARG A 45 -22.28 -2.59 12.05
CA ARG A 45 -21.84 -1.58 11.07
C ARG A 45 -20.34 -1.53 10.82
N VAL A 46 -19.70 -2.67 10.85
CA VAL A 46 -18.31 -2.78 10.43
C VAL A 46 -18.21 -2.39 8.94
N ILE A 47 -17.19 -1.63 8.59
CA ILE A 47 -16.89 -1.32 7.21
C ILE A 47 -15.82 -2.27 6.70
N ASN A 48 -16.14 -2.98 5.61
CA ASN A 48 -15.21 -3.86 4.92
C ASN A 48 -14.79 -3.16 3.63
N PRO A 49 -13.61 -2.53 3.59
CA PRO A 49 -13.24 -1.68 2.45
C PRO A 49 -12.77 -2.51 1.25
N ALA A 50 -12.77 -1.91 0.06
CA ALA A 50 -12.20 -2.59 -1.09
C ALA A 50 -10.72 -2.96 -0.91
N THR A 51 -9.94 -2.11 -0.25
CA THR A 51 -8.55 -2.41 0.04
C THR A 51 -8.23 -1.92 1.45
N GLU A 52 -7.17 -2.48 2.06
CA GLU A 52 -6.77 -2.08 3.40
C GLU A 52 -6.28 -0.64 3.46
N LEU A 53 -5.58 -0.16 2.41
CA LEU A 53 -5.13 1.24 2.41
C LEU A 53 -6.34 2.16 2.33
N GLY A 54 -7.32 1.85 1.45
CA GLY A 54 -8.54 2.62 1.46
C GLY A 54 -9.18 2.68 2.84
N GLY A 55 -9.29 1.53 3.50
CA GLY A 55 -9.86 1.52 4.86
C GLY A 55 -9.06 2.31 5.86
N ALA A 56 -7.72 2.27 5.78
CA ALA A 56 -6.89 3.04 6.68
C ALA A 56 -7.08 4.54 6.47
N TRP A 57 -7.33 4.97 5.22
CA TRP A 57 -7.68 6.38 4.97
C TRP A 57 -9.02 6.72 5.58
N MET A 58 -10.00 5.79 5.54
CA MET A 58 -11.28 6.04 6.21
C MET A 58 -11.09 6.25 7.70
N VAL A 59 -10.27 5.41 8.33
CA VAL A 59 -9.94 5.60 9.75
C VAL A 59 -9.38 7.01 9.99
N ASN A 60 -8.47 7.45 9.13
CA ASN A 60 -7.91 8.79 9.29
C ASN A 60 -8.98 9.90 9.19
N GLY A 61 -9.86 9.80 8.18
CA GLY A 61 -10.88 10.84 8.04
C GLY A 61 -11.84 10.89 9.22
N TYR A 62 -12.25 9.72 9.70
CA TYR A 62 -13.17 9.60 10.85
C TYR A 62 -12.52 10.20 12.09
N ASN A 63 -11.28 9.83 12.36
CA ASN A 63 -10.59 10.23 13.60
C ASN A 63 -10.12 11.67 13.55
N TYR A 64 -9.81 12.20 12.35
CA TYR A 64 -9.41 13.61 12.21
C TYR A 64 -10.57 14.50 12.71
N VAL A 65 -11.81 14.19 12.28
CA VAL A 65 -12.92 15.01 12.68
C VAL A 65 -13.36 14.74 14.12
N LYS A 66 -13.07 13.56 14.70
CA LYS A 66 -13.45 13.22 16.07
C LYS A 66 -12.39 13.64 17.10
N ASP A 67 -11.12 13.81 16.74
CA ASP A 67 -10.05 14.14 17.68
C ASP A 67 -9.88 13.05 18.76
N ARG A 68 -10.15 11.79 18.40
CA ARG A 68 -9.87 10.63 19.28
C ARG A 68 -9.88 9.39 18.38
N SER A 69 -9.39 8.26 18.89
CA SER A 69 -9.37 7.03 18.08
C SER A 69 -10.73 6.31 18.14
N ALA A 70 -11.74 6.99 17.67
CA ALA A 70 -13.11 6.46 17.63
C ALA A 70 -13.27 5.34 16.61
N ALA A 71 -12.55 5.43 15.49
CA ALA A 71 -12.47 4.35 14.52
C ALA A 71 -11.14 3.58 14.76
N VAL A 72 -11.22 2.27 14.58
CA VAL A 72 -10.08 1.37 14.71
C VAL A 72 -10.02 0.46 13.49
N GLY A 73 -8.81 0.10 13.08
CA GLY A 73 -8.60 -0.90 12.05
C GLY A 73 -8.31 -2.29 12.60
N ALA A 74 -8.79 -3.31 11.88
CA ALA A 74 -8.57 -4.70 12.27
C ALA A 74 -8.32 -5.51 10.99
N TRP A 75 -7.09 -6.06 10.85
CA TRP A 75 -6.61 -6.49 9.54
C TRP A 75 -5.98 -7.89 9.58
N HIS A 76 -6.42 -8.77 8.66
CA HIS A 76 -5.72 -10.02 8.38
C HIS A 76 -4.28 -9.79 7.91
N CYS A 77 -3.35 -10.53 8.51
CA CYS A 77 -1.89 -10.53 8.34
C CYS A 77 -1.43 -9.67 7.14
N VAL A 78 -1.35 -10.23 5.93
CA VAL A 78 -0.66 -9.51 4.84
C VAL A 78 -1.33 -8.24 4.41
N GLY A 79 -2.61 -8.05 4.72
CA GLY A 79 -3.23 -6.76 4.49
C GLY A 79 -2.66 -5.60 5.28
N ASN A 80 -2.04 -5.90 6.42
CA ASN A 80 -1.30 -4.90 7.19
C ASN A 80 -0.18 -4.27 6.38
N LEU A 81 0.33 -5.00 5.38
CA LEU A 81 1.43 -4.47 4.54
C LEU A 81 1.00 -3.28 3.68
N LEU A 82 -0.31 -3.02 3.57
CA LEU A 82 -0.80 -1.87 2.82
C LEU A 82 -1.03 -0.62 3.67
N LEU A 83 -0.77 -0.66 4.99
CA LEU A 83 -1.16 0.43 5.86
C LEU A 83 -0.21 1.65 5.84
N HIS A 84 1.05 1.47 5.44
CA HIS A 84 2.09 2.43 5.78
C HIS A 84 1.81 3.85 5.37
N ALA A 85 1.26 4.08 4.16
CA ALA A 85 1.07 5.47 3.71
C ALA A 85 0.10 6.22 4.63
N ALA A 86 -1.09 5.63 4.87
CA ALA A 86 -2.06 6.25 5.76
C ALA A 86 -1.53 6.39 7.16
N MET A 87 -0.75 5.40 7.63
CA MET A 87 -0.21 5.47 9.01
C MET A 87 0.78 6.62 9.15
N GLN A 88 1.59 6.86 8.11
CA GLN A 88 2.53 7.99 8.13
C GLN A 88 1.80 9.32 8.25
N GLU A 89 0.73 9.53 7.45
CA GLU A 89 -0.07 10.75 7.60
C GLU A 89 -0.60 10.89 9.03
N ALA A 90 -1.09 9.80 9.62
CA ALA A 90 -1.62 9.90 11.00
C ALA A 90 -0.54 10.36 11.98
N ARG A 91 0.70 9.92 11.77
CA ARG A 91 1.80 10.30 12.68
C ARG A 91 2.07 11.79 12.60
N THR A 92 2.51 12.29 11.44
CA THR A 92 2.89 13.71 11.34
C THR A 92 1.68 14.63 11.38
N GLY A 93 0.52 14.14 10.96
CA GLY A 93 -0.71 14.87 10.96
C GLY A 93 -1.51 14.82 12.27
N ARG A 94 -0.96 14.19 13.30
CA ARG A 94 -1.54 14.20 14.61
C ARG A 94 -2.96 13.64 14.63
N ILE A 95 -3.16 12.50 13.98
CA ILE A 95 -4.47 11.84 13.97
C ILE A 95 -4.39 10.59 14.87
N PRO A 96 -5.17 10.56 15.97
CA PRO A 96 -5.18 9.35 16.79
C PRO A 96 -5.75 8.21 15.97
N ALA A 97 -5.09 7.05 16.01
CA ALA A 97 -5.57 5.89 15.26
C ALA A 97 -4.95 4.54 15.63
C ALA A 97 -4.97 4.67 16.00
N VAL A 98 -5.77 3.67 16.20
CA VAL A 98 -5.33 2.33 16.65
C VAL A 98 -5.62 1.34 15.55
N HIS A 99 -4.60 0.55 15.17
CA HIS A 99 -4.66 -0.51 14.22
C HIS A 99 -4.22 -1.84 14.87
N ILE A 100 -5.08 -2.84 14.73
CA ILE A 100 -4.85 -4.19 15.23
C ILE A 100 -4.56 -5.11 14.04
N GLY A 101 -3.31 -5.59 13.96
CA GLY A 101 -2.93 -6.52 12.92
C GLY A 101 -2.87 -7.93 13.46
N LEU A 102 -3.60 -8.85 12.82
CA LEU A 102 -3.57 -10.24 13.22
C LEU A 102 -2.58 -11.02 12.37
N ASN A 103 -1.43 -11.37 12.94
CA ASN A 103 -0.37 -12.03 12.20
C ASN A 103 -0.68 -13.53 12.09
N SER A 104 0.17 -14.22 11.34
CA SER A 104 0.09 -15.68 11.23
C SER A 104 0.51 -16.37 12.55
N ASP A 105 0.36 -17.69 12.59
CA ASP A 105 0.57 -18.46 13.84
C ASP A 105 1.96 -18.20 14.41
N GLY A 106 2.00 -17.87 15.70
CA GLY A 106 3.29 -17.65 16.34
C GLY A 106 4.19 -18.87 16.35
N ARG A 107 3.60 -20.06 16.27
CA ARG A 107 4.40 -21.27 16.16
C ARG A 107 5.30 -21.24 14.92
N LEU A 108 4.80 -20.65 13.83
CA LEU A 108 5.50 -20.68 12.54
C LEU A 108 6.45 -19.50 12.36
N ALA A 109 6.35 -18.50 13.21
CA ALA A 109 7.12 -17.27 13.09
C ALA A 109 8.61 -17.59 13.16
N GLY A 110 9.39 -16.95 12.30
CA GLY A 110 10.83 -17.13 12.29
C GLY A 110 11.33 -18.25 11.38
N ARG A 111 10.44 -19.10 10.85
CA ARG A 111 10.86 -20.09 9.90
C ARG A 111 11.11 -19.43 8.56
N SER A 112 12.23 -19.76 7.92
CA SER A 112 12.62 -18.99 6.78
C SER A 112 11.72 -19.10 5.60
N GLU A 113 11.06 -20.25 5.43
CA GLU A 113 10.17 -20.49 4.29
C GLU A 113 8.68 -20.36 4.67
N ALA A 114 8.42 -19.64 5.74
CA ALA A 114 7.04 -19.40 6.17
C ALA A 114 6.29 -18.43 5.24
N ALA A 115 4.98 -18.63 5.13
CA ALA A 115 4.13 -17.74 4.37
C ALA A 115 3.38 -16.76 5.31
N GLN A 116 3.24 -15.50 4.87
CA GLN A 116 2.35 -14.56 5.58
C GLN A 116 2.82 -14.24 7.00
N GLN A 117 4.14 -14.32 7.26
CA GLN A 117 4.70 -13.85 8.54
C GLN A 117 5.06 -12.38 8.36
N VAL A 118 4.21 -11.50 8.84
CA VAL A 118 4.31 -10.07 8.53
C VAL A 118 5.41 -9.45 9.33
N PRO A 119 6.26 -8.66 8.65
CA PRO A 119 7.35 -7.95 9.32
C PRO A 119 6.84 -6.70 10.05
N TRP A 120 6.29 -6.93 11.25
CA TRP A 120 5.76 -5.84 12.07
C TRP A 120 6.79 -4.75 12.38
N GLN A 121 8.07 -5.09 12.36
CA GLN A 121 9.11 -4.11 12.60
C GLN A 121 9.14 -3.03 11.53
N SER A 122 8.49 -3.27 10.38
CA SER A 122 8.40 -2.25 9.34
C SER A 122 7.62 -1.02 9.84
N PHE A 123 6.80 -1.17 10.88
CA PHE A 123 6.05 -0.06 11.42
C PHE A 123 6.80 0.76 12.48
N THR A 124 7.90 0.23 12.99
CA THR A 124 8.63 0.90 14.09
C THR A 124 8.94 2.37 13.80
N PRO A 125 9.42 2.73 12.59
CA PRO A 125 9.73 4.16 12.33
C PRO A 125 8.53 5.02 12.02
N ILE A 126 7.32 4.45 11.92
CA ILE A 126 6.10 5.13 11.49
C ILE A 126 5.11 5.31 12.65
N ALA A 127 4.67 4.20 13.27
CA ALA A 127 3.70 4.34 14.37
C ALA A 127 4.35 5.08 15.55
N ARG A 128 3.53 5.82 16.33
CA ARG A 128 4.04 6.37 17.59
C ARG A 128 4.22 5.26 18.64
N SER A 129 3.51 4.14 18.50
CA SER A 129 3.66 2.95 19.33
C SER A 129 3.54 1.74 18.44
N THR A 130 4.53 0.83 18.49
CA THR A 130 4.52 -0.45 17.80
C THR A 130 4.70 -1.52 18.86
N GLN A 131 3.76 -2.43 18.98
CA GLN A 131 3.84 -3.55 19.93
C GLN A 131 3.59 -4.88 19.24
N ARG A 132 4.42 -5.86 19.48
CA ARG A 132 4.20 -7.25 19.14
C ARG A 132 3.80 -7.99 20.39
N VAL A 133 2.59 -8.53 20.39
CA VAL A 133 2.09 -9.27 21.58
C VAL A 133 2.56 -10.73 21.50
N GLU A 134 3.28 -11.14 22.53
CA GLU A 134 3.85 -12.48 22.58
C GLU A 134 2.92 -13.48 23.29
N ARG A 135 2.11 -12.98 24.22
CA ARG A 135 1.35 -13.78 25.20
C ARG A 135 -0.08 -13.37 25.20
N LEU A 136 -1.01 -14.33 25.29
CA LEU A 136 -2.42 -14.06 25.40
C LEU A 136 -2.75 -13.14 26.60
N ASP A 137 -2.09 -13.34 27.74
CA ASP A 137 -2.42 -12.52 28.90
C ASP A 137 -1.94 -11.07 28.80
N LYS A 138 -1.32 -10.68 27.67
CA LYS A 138 -0.92 -9.31 27.44
C LYS A 138 -1.82 -8.58 26.45
N VAL A 139 -2.87 -9.23 25.92
CA VAL A 139 -3.67 -8.57 24.86
C VAL A 139 -4.38 -7.32 25.39
N GLY A 140 -4.98 -7.40 26.59
CA GLY A 140 -5.67 -6.23 27.13
C GLY A 140 -4.71 -5.08 27.44
N GLU A 141 -3.60 -5.43 28.10
CA GLU A 141 -2.53 -4.50 28.43
C GLU A 141 -2.00 -3.78 27.17
N ALA A 142 -1.78 -4.52 26.09
CA ALA A 142 -1.24 -3.92 24.88
C ALA A 142 -2.25 -2.93 24.25
N ILE A 143 -3.51 -3.27 24.25
CA ILE A 143 -4.51 -2.38 23.66
C ILE A 143 -4.67 -1.12 24.52
N HIS A 144 -4.65 -1.28 25.84
CA HIS A 144 -4.63 -0.14 26.76
C HIS A 144 -3.49 0.86 26.43
N GLU A 145 -2.27 0.32 26.26
CA GLU A 145 -1.12 1.14 25.91
C GLU A 145 -1.32 1.85 24.55
N ALA A 146 -1.86 1.12 23.59
CA ALA A 146 -2.07 1.70 22.26
C ALA A 146 -2.96 2.93 22.29
N PHE A 147 -4.08 2.84 23.01
CA PHE A 147 -4.93 4.01 23.11
C PHE A 147 -4.29 5.16 23.89
N ARG A 148 -3.55 4.84 24.95
CA ARG A 148 -2.84 5.87 25.72
C ARG A 148 -1.92 6.68 24.81
N VAL A 149 -1.13 5.99 24.00
CA VAL A 149 -0.21 6.69 23.12
C VAL A 149 -0.98 7.41 22.00
N ALA A 150 -1.91 6.74 21.36
CA ALA A 150 -2.60 7.35 20.20
C ALA A 150 -3.30 8.66 20.55
N GLU A 151 -3.89 8.72 21.74
CA GLU A 151 -4.70 9.84 22.17
C GLU A 151 -3.94 10.85 23.05
N GLY A 152 -2.61 10.70 23.11
CA GLY A 152 -1.79 11.66 23.81
C GLY A 152 -1.53 12.95 23.05
N HIS A 153 -0.51 13.67 23.53
CA HIS A 153 0.02 14.90 22.94
C HIS A 153 1.50 14.69 22.69
N PRO A 154 1.94 14.44 21.46
CA PRO A 154 1.18 14.47 20.21
C PRO A 154 0.27 13.26 20.01
N ALA A 155 -0.84 13.46 19.34
CA ALA A 155 -1.67 12.32 18.89
C ALA A 155 -1.00 11.58 17.75
N GLY A 156 -1.41 10.33 17.51
CA GLY A 156 -0.91 9.61 16.35
C GLY A 156 -1.33 8.17 16.34
N PRO A 157 -0.73 7.38 15.44
CA PRO A 157 -1.13 5.99 15.26
C PRO A 157 -0.40 5.04 16.22
N ALA A 158 -1.10 3.98 16.60
CA ALA A 158 -0.54 2.88 17.34
C ALA A 158 -0.85 1.61 16.60
N TYR A 159 0.13 0.71 16.45
CA TYR A 159 -0.04 -0.58 15.79
C TYR A 159 0.25 -1.69 16.79
N VAL A 160 -0.67 -2.67 16.84
CA VAL A 160 -0.59 -3.81 17.73
C VAL A 160 -0.61 -5.08 16.87
N ASP A 161 0.49 -5.85 16.89
CA ASP A 161 0.61 -7.07 16.09
C ASP A 161 0.35 -8.26 17.02
N ILE A 162 -0.67 -9.07 16.70
CA ILE A 162 -1.09 -10.18 17.56
C ILE A 162 -1.08 -11.47 16.71
N PRO A 163 -0.19 -12.43 16.96
CA PRO A 163 -0.26 -13.69 16.21
C PRO A 163 -1.61 -14.36 16.44
N PHE A 164 -2.26 -14.82 15.38
CA PHE A 164 -3.69 -15.10 15.48
C PHE A 164 -4.04 -16.32 16.32
N ASP A 165 -3.08 -17.22 16.53
CA ASP A 165 -3.30 -18.30 17.47
C ASP A 165 -3.76 -17.77 18.84
N LEU A 166 -3.22 -16.62 19.27
CA LEU A 166 -3.63 -16.08 20.57
C LEU A 166 -5.10 -15.63 20.57
N THR A 167 -5.65 -15.32 19.38
CA THR A 167 -7.04 -14.96 19.25
C THR A 167 -8.00 -16.15 19.39
N ALA A 168 -7.50 -17.33 19.05
CA ALA A 168 -8.27 -18.60 19.19
C ALA A 168 -8.11 -19.19 20.59
N ASP A 169 -6.95 -19.04 21.21
CA ASP A 169 -6.67 -19.57 22.51
C ASP A 169 -7.62 -18.95 23.55
N GLN A 170 -7.73 -19.61 24.69
CA GLN A 170 -8.62 -19.20 25.78
C GLN A 170 -7.89 -19.11 27.10
N ILE A 171 -8.38 -18.25 27.98
CA ILE A 171 -7.72 -18.04 29.28
C ILE A 171 -8.77 -17.53 30.26
N ASP A 172 -8.56 -17.77 31.57
CA ASP A 172 -9.39 -17.10 32.55
C ASP A 172 -9.19 -15.57 32.47
N ASP A 173 -10.31 -14.83 32.45
CA ASP A 173 -10.28 -13.41 32.17
C ASP A 173 -10.15 -12.46 33.35
N LYS A 174 -9.96 -12.98 34.56
CA LYS A 174 -9.98 -12.11 35.73
C LYS A 174 -8.95 -10.99 35.61
N ALA A 175 -9.41 -9.74 35.67
CA ALA A 175 -8.60 -8.52 35.62
C ALA A 175 -7.81 -8.30 34.33
N LEU A 176 -8.02 -9.12 33.32
CA LEU A 176 -7.11 -9.14 32.15
C LEU A 176 -7.23 -7.89 31.28
N VAL A 177 -8.46 -7.43 31.08
CA VAL A 177 -8.74 -6.17 30.37
C VAL A 177 -8.74 -5.03 31.37
N PRO A 178 -7.78 -4.09 31.28
CA PRO A 178 -7.77 -2.99 32.27
C PRO A 178 -9.00 -2.11 32.14
N ARG A 179 -9.70 -1.90 33.26
CA ARG A 179 -10.92 -1.10 33.30
C ARG A 179 -10.78 0.15 34.12
N GLY A 180 -11.56 1.15 33.73
N GLY A 180 -11.61 1.13 33.80
CA GLY A 180 -11.61 2.40 34.46
CA GLY A 180 -11.92 2.16 34.76
C GLY A 180 -10.38 3.30 34.22
C GLY A 180 -10.89 3.23 34.97
N ALA A 181 -9.73 3.20 33.08
N ALA A 181 -9.98 3.46 34.02
CA ALA A 181 -8.60 4.12 32.78
CA ALA A 181 -9.02 4.60 34.16
C ALA A 181 -9.13 5.56 32.71
C ALA A 181 -9.69 5.97 33.94
N THR A 182 -8.36 6.53 33.22
N THR A 182 -9.25 7.02 34.63
CA THR A 182 -8.75 7.93 33.10
CA THR A 182 -9.62 8.44 34.31
C THR A 182 -7.49 8.69 32.67
C THR A 182 -8.34 9.24 33.97
N ARG A 183 -7.63 9.90 32.23
N ARG A 183 -8.24 9.79 32.76
CA ARG A 183 -6.48 10.70 31.88
CA ARG A 183 -7.00 10.48 32.27
C ARG A 183 -6.47 11.85 32.84
C ARG A 183 -6.78 11.91 32.80
N ALA A 184 -5.32 12.45 32.93
N ALA A 184 -5.53 12.35 33.03
CA ALA A 184 -5.22 13.75 33.54
C ALA A 184 -5.96 14.80 32.74
N LYS A 185 -6.46 15.82 33.40
CA LYS A 185 -7.02 16.95 32.66
C LYS A 185 -5.98 17.54 31.70
N SER A 186 -6.47 18.01 30.56
CA SER A 186 -5.67 18.62 29.49
C SER A 186 -5.65 20.16 29.56
N VAL A 187 -6.35 20.76 30.50
CA VAL A 187 -6.48 22.22 30.65
C VAL A 187 -5.25 22.78 31.37
N LEU A 188 -4.09 22.60 30.76
CA LEU A 188 -2.82 23.09 31.31
C LEU A 188 -2.81 24.64 31.25
N HIS A 189 -2.60 25.22 32.43
CA HIS A 189 -2.50 26.68 32.63
C HIS A 189 -1.09 27.20 32.50
N ALA A 190 -0.90 28.35 31.85
CA ALA A 190 0.40 28.97 31.78
C ALA A 190 0.76 29.70 33.09
N PRO A 191 2.06 29.89 33.35
CA PRO A 191 2.45 30.77 34.49
C PRO A 191 1.91 32.17 34.28
N ASN A 192 1.43 32.79 35.36
CA ASN A 192 0.85 34.14 35.26
C ASN A 192 1.83 35.12 34.62
N GLU A 193 3.12 35.04 34.89
CA GLU A 193 4.04 35.98 34.32
C GLU A 193 4.11 35.87 32.79
N ASP A 194 3.95 34.66 32.26
CA ASP A 194 3.97 34.44 30.81
C ASP A 194 2.70 35.01 30.15
N VAL A 195 1.55 34.84 30.82
CA VAL A 195 0.32 35.45 30.38
C VAL A 195 0.48 36.99 30.30
N ARG A 196 1.02 37.55 31.36
CA ARG A 196 1.26 39.02 31.41
C ARG A 196 2.22 39.52 30.35
N GLU A 197 3.29 38.76 30.09
CA GLU A 197 4.24 39.12 29.05
C GLU A 197 3.58 39.10 27.68
N ALA A 198 2.80 38.04 27.39
CA ALA A 198 2.10 37.97 26.13
C ALA A 198 1.09 39.14 25.95
N ALA A 199 0.36 39.46 27.02
CA ALA A 199 -0.57 40.60 27.00
C ALA A 199 0.17 41.91 26.70
N ALA A 200 1.32 42.12 27.37
CA ALA A 200 2.09 43.35 27.17
C ALA A 200 2.56 43.47 25.70
N GLN A 201 3.00 42.35 25.12
CA GLN A 201 3.48 42.36 23.71
C GLN A 201 2.32 42.64 22.76
N LEU A 202 1.16 42.05 23.05
CA LEU A 202 0.02 42.23 22.16
C LEU A 202 -0.44 43.63 22.13
N VAL A 203 -0.44 44.26 23.30
CA VAL A 203 -0.91 45.62 23.39
C VAL A 203 0.11 46.58 22.82
N ALA A 204 1.42 46.33 23.00
CA ALA A 204 2.48 47.18 22.48
C ALA A 204 2.65 47.16 20.97
N ALA A 205 2.40 46.02 20.33
CA ALA A 205 2.54 45.86 18.90
C ALA A 205 1.71 46.89 18.13
N LYS A 206 2.23 47.33 17.00
CA LYS A 206 1.46 48.18 16.09
C LYS A 206 0.58 47.42 15.10
N ASN A 207 1.01 46.20 14.73
CA ASN A 207 0.31 45.43 13.71
C ASN A 207 0.37 43.94 14.13
N PRO A 208 -0.21 43.59 15.28
CA PRO A 208 -0.17 42.19 15.74
C PRO A 208 -1.05 41.27 14.91
N VAL A 209 -0.78 39.98 15.06
CA VAL A 209 -1.64 38.93 14.53
C VAL A 209 -1.75 37.81 15.55
N ILE A 210 -2.91 37.16 15.60
CA ILE A 210 -3.09 35.89 16.32
C ILE A 210 -3.10 34.79 15.25
N LEU A 211 -2.22 33.81 15.42
CA LEU A 211 -2.09 32.68 14.49
C LEU A 211 -2.63 31.44 15.24
N ALA A 212 -3.77 30.91 14.77
CA ALA A 212 -4.45 29.78 15.42
C ALA A 212 -4.34 28.55 14.51
N GLY A 213 -3.74 27.49 15.05
CA GLY A 213 -3.61 26.24 14.34
C GLY A 213 -4.58 25.16 14.84
N GLY A 214 -4.32 23.94 14.36
CA GLY A 214 -5.20 22.83 14.65
C GLY A 214 -5.32 22.56 16.13
N GLY A 215 -4.33 22.91 16.95
CA GLY A 215 -4.48 22.76 18.37
C GLY A 215 -5.59 23.57 18.99
N VAL A 216 -5.96 24.71 18.39
CA VAL A 216 -7.11 25.47 18.90
C VAL A 216 -8.41 24.65 18.69
N ALA A 217 -8.48 23.89 17.56
CA ALA A 217 -9.61 22.99 17.29
C ALA A 217 -9.62 21.83 18.32
N ARG A 218 -8.48 21.19 18.54
CA ARG A 218 -8.44 20.11 19.52
C ARG A 218 -8.82 20.59 20.91
N SER A 219 -8.37 21.80 21.26
CA SER A 219 -8.63 22.39 22.57
C SER A 219 -10.08 22.79 22.78
N GLY A 220 -10.85 22.96 21.70
CA GLY A 220 -12.19 23.50 21.81
C GLY A 220 -12.24 24.99 22.06
N GLY A 221 -11.28 25.73 21.48
CA GLY A 221 -11.06 27.14 21.78
C GLY A 221 -11.73 28.18 20.93
N SER A 222 -12.74 27.81 20.13
CA SER A 222 -13.37 28.82 19.24
C SER A 222 -14.00 29.99 19.99
N GLU A 223 -14.72 29.72 21.06
CA GLU A 223 -15.38 30.81 21.78
C GLU A 223 -14.38 31.78 22.37
N ALA A 224 -13.33 31.25 23.01
CA ALA A 224 -12.31 32.08 23.60
C ALA A 224 -11.56 32.90 22.53
N LEU A 225 -11.30 32.29 21.39
CA LEU A 225 -10.59 33.00 20.32
C LEU A 225 -11.41 34.21 19.79
N LEU A 226 -12.69 33.98 19.59
CA LEU A 226 -13.58 35.08 19.15
C LEU A 226 -13.56 36.21 20.15
N LYS A 227 -13.72 35.90 21.44
CA LYS A 227 -13.71 36.94 22.48
C LYS A 227 -12.39 37.67 22.53
N LEU A 228 -11.28 36.92 22.48
CA LEU A 228 -9.95 37.53 22.54
C LEU A 228 -9.72 38.45 21.33
N ALA A 229 -9.98 37.94 20.12
CA ALA A 229 -9.69 38.72 18.91
C ALA A 229 -10.50 40.02 18.89
N GLU A 230 -11.75 39.93 19.26
CA GLU A 230 -12.61 41.13 19.30
C GLU A 230 -12.19 42.10 20.40
N MET A 231 -11.75 41.57 21.56
CA MET A 231 -11.39 42.43 22.71
C MET A 231 -10.15 43.25 22.42
N VAL A 232 -9.14 42.61 21.83
CA VAL A 232 -7.91 43.32 21.51
C VAL A 232 -7.97 43.99 20.11
N GLY A 233 -8.88 43.51 19.21
CA GLY A 233 -8.99 44.01 17.86
C GLY A 233 -7.81 43.64 16.99
N VAL A 234 -7.54 42.33 16.92
CA VAL A 234 -6.35 41.79 16.26
C VAL A 234 -6.79 40.81 15.17
N PRO A 235 -6.27 40.97 13.94
CA PRO A 235 -6.63 40.00 12.89
C PRO A 235 -6.15 38.58 13.23
N VAL A 236 -6.93 37.63 12.72
CA VAL A 236 -6.69 36.20 12.94
C VAL A 236 -6.27 35.53 11.63
N VAL A 237 -5.12 34.86 11.69
CA VAL A 237 -4.61 34.01 10.63
C VAL A 237 -4.67 32.58 11.17
N THR A 238 -4.97 31.60 10.31
CA THR A 238 -4.89 30.21 10.70
C THR A 238 -3.91 29.42 9.88
N THR A 239 -3.63 28.19 10.37
CA THR A 239 -3.13 27.13 9.53
C THR A 239 -4.33 26.43 8.86
N SER A 240 -4.01 25.51 7.94
CA SER A 240 -5.07 24.82 7.23
C SER A 240 -5.88 23.86 8.13
N THR A 241 -5.29 23.34 9.22
CA THR A 241 -6.03 22.53 10.18
C THR A 241 -6.76 23.38 11.22
N GLY A 242 -6.35 24.64 11.36
CA GLY A 242 -7.07 25.58 12.21
C GLY A 242 -8.21 26.35 11.54
N ALA A 243 -8.22 26.42 10.22
CA ALA A 243 -9.25 27.18 9.49
C ALA A 243 -10.63 26.74 10.04
N GLY A 244 -11.49 27.72 10.31
CA GLY A 244 -12.81 27.47 10.86
C GLY A 244 -12.92 27.65 12.35
N VAL A 245 -11.80 27.67 13.10
CA VAL A 245 -11.91 27.99 14.52
C VAL A 245 -12.32 29.44 14.76
N PHE A 246 -12.10 30.30 13.77
CA PHE A 246 -12.52 31.71 13.79
C PHE A 246 -13.43 31.88 12.55
N PRO A 247 -14.66 32.41 12.70
CA PRO A 247 -15.58 32.41 11.55
C PRO A 247 -14.99 33.18 10.39
N GLU A 248 -14.88 32.58 9.21
CA GLU A 248 -14.13 33.18 8.12
C GLU A 248 -14.90 34.27 7.38
N THR A 249 -16.12 34.51 7.78
CA THR A 249 -16.89 35.69 7.33
C THR A 249 -16.69 36.94 8.18
N HIS A 250 -15.95 36.81 9.28
CA HIS A 250 -15.71 37.93 10.18
C HIS A 250 -14.76 38.95 9.56
N ALA A 251 -14.95 40.23 9.90
CA ALA A 251 -14.06 41.29 9.41
C ALA A 251 -12.57 41.11 9.78
N LEU A 252 -12.29 40.46 10.90
CA LEU A 252 -10.92 40.24 11.35
C LEU A 252 -10.30 38.94 10.79
N ALA A 253 -11.06 38.17 10.03
CA ALA A 253 -10.55 36.87 9.48
C ALA A 253 -9.74 37.08 8.23
N MET A 254 -8.45 36.77 8.30
CA MET A 254 -7.58 36.83 7.15
C MET A 254 -7.48 35.52 6.39
N GLY A 255 -8.01 34.44 6.96
CA GLY A 255 -7.85 33.12 6.36
C GLY A 255 -6.54 32.47 6.79
N SER A 256 -6.18 31.42 6.05
CA SER A 256 -4.98 30.60 6.34
C SER A 256 -3.75 31.12 5.59
N ALA A 257 -2.65 31.28 6.32
CA ALA A 257 -1.36 31.59 5.73
C ALA A 257 -0.81 30.29 5.12
N GLY A 258 0.11 30.41 4.17
CA GLY A 258 0.81 29.33 3.57
C GLY A 258 0.73 29.29 2.04
N PHE A 259 1.35 28.30 1.43
CA PHE A 259 1.50 28.31 -0.02
C PHE A 259 0.25 27.94 -0.80
N CYS A 260 -0.74 27.30 -0.16
CA CYS A 260 -2.03 27.10 -0.77
C CYS A 260 -3.15 27.88 -0.03
N GLY A 261 -2.73 28.88 0.74
CA GLY A 261 -3.64 29.68 1.58
C GLY A 261 -4.13 30.93 0.90
N TRP A 262 -4.68 31.81 1.74
CA TRP A 262 -5.29 33.06 1.26
C TRP A 262 -4.26 34.19 1.24
N LYS A 263 -4.24 34.98 0.16
CA LYS A 263 -3.24 36.05 0.10
C LYS A 263 -3.38 37.07 1.21
N SER A 264 -4.61 37.28 1.69
CA SER A 264 -4.81 38.20 2.79
C SER A 264 -4.00 37.78 4.03
N ALA A 265 -3.94 36.46 4.31
CA ALA A 265 -3.20 35.95 5.45
C ALA A 265 -1.71 36.08 5.24
N ASN A 266 -1.23 35.77 4.02
CA ASN A 266 0.18 35.95 3.73
C ASN A 266 0.58 37.45 3.80
N ASP A 267 -0.28 38.32 3.29
CA ASP A 267 -0.05 39.78 3.40
C ASP A 267 0.05 40.20 4.85
N MET A 268 -0.87 39.71 5.67
CA MET A 268 -0.89 40.07 7.08
C MET A 268 0.35 39.56 7.82
N MET A 269 0.74 38.31 7.55
CA MET A 269 1.97 37.80 8.19
C MET A 269 3.22 38.60 7.75
N ALA A 270 3.26 39.07 6.52
CA ALA A 270 4.40 39.90 6.06
C ALA A 270 4.42 41.29 6.70
N ALA A 271 3.23 41.79 7.05
CA ALA A 271 3.12 43.14 7.67
C ALA A 271 3.27 43.16 9.18
N ALA A 272 3.08 42.01 9.84
CA ALA A 272 2.96 41.96 11.29
C ALA A 272 4.29 42.25 12.00
N ASP A 273 4.20 42.91 13.14
CA ASP A 273 5.36 43.12 14.01
C ASP A 273 5.40 42.20 15.20
N PHE A 274 4.36 41.42 15.42
CA PHE A 274 4.28 40.49 16.57
C PHE A 274 3.20 39.45 16.22
N VAL A 275 3.46 38.18 16.58
CA VAL A 275 2.50 37.09 16.40
C VAL A 275 2.35 36.34 17.73
N LEU A 276 1.07 36.05 18.06
CA LEU A 276 0.74 35.12 19.17
C LEU A 276 0.34 33.80 18.48
N VAL A 277 1.20 32.79 18.59
CA VAL A 277 0.96 31.50 17.94
C VAL A 277 0.35 30.53 18.98
N LEU A 278 -0.85 30.04 18.61
CA LEU A 278 -1.63 29.14 19.49
C LEU A 278 -1.90 27.83 18.76
N GLY A 279 -1.40 26.72 19.30
CA GLY A 279 -1.72 25.41 18.73
C GLY A 279 -1.28 25.21 17.27
N SER A 280 -0.07 25.63 16.93
CA SER A 280 0.51 25.36 15.61
C SER A 280 1.92 24.79 15.79
N ARG A 281 2.28 23.82 14.94
CA ARG A 281 3.64 23.29 14.94
C ARG A 281 4.56 24.00 13.91
N LEU A 282 4.07 25.06 13.27
CA LEU A 282 4.90 25.86 12.32
C LEU A 282 5.64 24.95 11.32
N SER A 283 4.85 24.15 10.60
CA SER A 283 5.42 23.05 9.83
C SER A 283 5.91 23.45 8.43
N ASP A 284 6.67 22.53 7.85
CA ASP A 284 7.28 22.67 6.51
C ASP A 284 6.27 23.12 5.44
N TRP A 285 5.20 22.35 5.22
CA TRP A 285 4.22 22.71 4.22
C TRP A 285 3.07 23.55 4.80
N GLY A 286 3.23 23.98 6.07
CA GLY A 286 2.39 24.94 6.73
C GLY A 286 3.07 26.27 6.82
N ILE A 287 3.10 26.85 8.04
CA ILE A 287 3.56 28.22 8.18
C ILE A 287 5.01 28.42 7.72
N ALA A 288 5.85 27.41 7.92
CA ALA A 288 7.27 27.55 7.55
C ALA A 288 7.56 27.73 6.08
N GLN A 289 6.67 27.18 5.22
CA GLN A 289 6.86 27.22 3.75
C GLN A 289 8.28 26.79 3.36
N GLY A 290 8.66 25.56 3.76
CA GLY A 290 10.00 25.05 3.40
C GLY A 290 11.11 25.70 4.19
N TYR A 291 10.79 26.25 5.37
CA TYR A 291 11.75 26.89 6.27
C TYR A 291 12.32 28.19 5.67
N ILE A 292 11.47 28.82 4.88
CA ILE A 292 11.78 30.11 4.22
C ILE A 292 11.03 31.27 4.91
N THR A 293 9.85 31.01 5.46
CA THR A 293 9.10 32.09 6.06
C THR A 293 9.91 32.79 7.14
N LYS A 294 9.84 34.13 7.14
CA LYS A 294 10.43 34.97 8.17
C LYS A 294 9.41 35.30 9.23
N MET A 295 9.51 34.68 10.38
CA MET A 295 8.59 34.95 11.47
C MET A 295 8.96 36.25 12.18
N PRO A 296 7.99 37.14 12.40
CA PRO A 296 8.15 38.25 13.29
C PRO A 296 8.44 37.74 14.75
N LYS A 297 8.86 38.60 15.66
CA LYS A 297 8.92 38.20 17.07
C LYS A 297 7.58 37.59 17.47
N PHE A 298 7.64 36.50 18.24
CA PHE A 298 6.41 35.76 18.53
C PHE A 298 6.45 35.01 19.88
N VAL A 299 5.25 34.87 20.46
CA VAL A 299 5.02 34.00 21.62
C VAL A 299 4.39 32.71 21.08
N HIS A 300 4.84 31.56 21.58
CA HIS A 300 4.45 30.26 21.06
C HIS A 300 3.90 29.43 22.20
N VAL A 301 2.60 29.07 22.09
CA VAL A 301 1.87 28.32 23.15
C VAL A 301 1.41 26.97 22.57
N ASP A 302 1.84 25.87 23.19
CA ASP A 302 1.52 24.54 22.70
C ASP A 302 1.49 23.56 23.89
N THR A 303 0.74 22.45 23.76
CA THR A 303 0.78 21.40 24.72
C THR A 303 1.95 20.42 24.55
N ASP A 304 2.62 20.43 23.40
CA ASP A 304 3.68 19.51 23.10
C ASP A 304 5.01 20.27 23.15
N PRO A 305 5.81 20.06 24.22
CA PRO A 305 7.09 20.77 24.29
C PRO A 305 8.02 20.57 23.10
N ALA A 306 7.90 19.44 22.42
CA ALA A 306 8.79 19.19 21.29
C ALA A 306 8.68 20.15 20.11
N VAL A 307 7.50 20.77 19.91
CA VAL A 307 7.35 21.70 18.78
C VAL A 307 7.88 23.07 19.13
N LEU A 308 8.03 23.38 20.41
CA LEU A 308 8.40 24.75 20.85
C LEU A 308 9.93 24.92 20.71
N GLY A 309 10.36 25.74 19.77
CA GLY A 309 11.78 26.05 19.62
C GLY A 309 12.61 25.07 18.81
N THR A 310 11.99 24.13 18.11
CA THR A 310 12.77 23.22 17.29
C THR A 310 13.43 23.91 16.10
N PHE A 311 12.75 24.89 15.50
CA PHE A 311 13.27 25.57 14.32
C PHE A 311 13.18 27.10 14.43
N TYR A 312 12.00 27.62 14.71
CA TYR A 312 11.80 29.07 14.94
C TYR A 312 11.89 29.31 16.44
N PHE A 313 12.83 30.17 16.87
CA PHE A 313 13.02 30.42 18.28
C PHE A 313 12.07 31.57 18.74
N PRO A 314 11.12 31.26 19.63
CA PRO A 314 10.17 32.30 20.05
C PRO A 314 10.83 33.27 20.99
N LEU A 315 10.21 34.46 21.10
CA LEU A 315 10.50 35.40 22.18
C LEU A 315 10.20 34.76 23.53
N LEU A 316 9.10 33.98 23.59
CA LEU A 316 8.64 33.29 24.78
C LEU A 316 7.93 32.02 24.36
N SER A 317 8.36 30.88 24.91
CA SER A 317 7.75 29.56 24.70
C SER A 317 6.92 29.22 25.95
N VAL A 318 5.70 28.72 25.74
CA VAL A 318 4.80 28.44 26.81
C VAL A 318 4.14 27.07 26.60
N VAL A 319 4.22 26.18 27.61
CA VAL A 319 3.50 24.93 27.58
C VAL A 319 2.12 25.14 28.24
N ALA A 320 1.06 25.16 27.41
CA ALA A 320 -0.28 25.39 27.93
C ALA A 320 -1.30 24.95 26.87
N ASP A 321 -2.50 24.64 27.38
CA ASP A 321 -3.68 24.43 26.55
C ASP A 321 -4.14 25.74 25.91
N ALA A 322 -4.50 25.69 24.63
CA ALA A 322 -4.83 26.92 23.89
C ALA A 322 -6.05 27.66 24.45
N LYS A 323 -7.17 26.95 24.63
CA LYS A 323 -8.38 27.59 25.21
C LYS A 323 -8.03 28.21 26.56
N THR A 324 -7.37 27.44 27.41
CA THR A 324 -7.04 27.90 28.77
C THR A 324 -6.19 29.13 28.73
N PHE A 325 -5.15 29.15 27.88
CA PHE A 325 -4.28 30.31 27.77
C PHE A 325 -5.06 31.55 27.30
N MET A 326 -5.93 31.38 26.31
CA MET A 326 -6.75 32.51 25.87
C MET A 326 -7.63 33.05 26.99
N GLU A 327 -8.23 32.14 27.77
CA GLU A 327 -9.06 32.57 28.93
C GLU A 327 -8.23 33.33 29.94
N GLN A 328 -7.01 32.86 30.19
CA GLN A 328 -6.12 33.58 31.10
C GLN A 328 -5.79 34.99 30.61
N LEU A 329 -5.52 35.08 29.30
CA LEU A 329 -5.21 36.36 28.71
C LEU A 329 -6.37 37.33 28.77
N ILE A 330 -7.57 36.85 28.47
CA ILE A 330 -8.78 37.67 28.56
C ILE A 330 -8.93 38.25 29.96
N GLU A 331 -8.64 37.43 30.98
CA GLU A 331 -8.69 37.92 32.39
C GLU A 331 -7.67 39.01 32.70
N VAL A 332 -6.46 38.92 32.16
CA VAL A 332 -5.41 39.85 32.52
C VAL A 332 -5.40 41.15 31.70
N LEU A 333 -6.04 41.15 30.53
CA LEU A 333 -5.95 42.29 29.64
C LEU A 333 -6.46 43.60 30.31
N PRO A 334 -7.59 43.58 31.01
CA PRO A 334 -8.06 44.90 31.59
C PRO A 334 -7.04 45.50 32.55
N GLY A 335 -6.26 44.70 33.25
CA GLY A 335 -5.25 45.19 34.15
C GLY A 335 -3.88 45.41 33.55
N THR A 336 -3.78 45.35 32.21
CA THR A 336 -2.55 45.48 31.52
C THR A 336 -2.37 46.95 31.12
N SER A 337 -1.30 47.58 31.60
CA SER A 337 -1.04 48.97 31.18
C SER A 337 -1.06 49.13 29.67
N GLY A 338 -1.77 50.12 29.16
CA GLY A 338 -1.87 50.36 27.73
C GLY A 338 -3.09 49.76 27.04
N PHE A 339 -3.75 48.81 27.70
CA PHE A 339 -4.95 48.22 27.14
C PHE A 339 -6.13 49.18 27.31
N LYS A 340 -6.87 49.39 26.24
CA LYS A 340 -8.15 50.10 26.35
C LYS A 340 -9.21 49.38 25.56
N ALA A 341 -10.39 49.29 26.13
CA ALA A 341 -11.56 48.70 25.48
C ALA A 341 -12.12 49.64 24.44
N VAL A 342 -12.04 49.24 23.18
CA VAL A 342 -12.42 50.01 22.00
C VAL A 342 -13.07 48.95 21.09
N ARG A 343 -14.14 49.28 20.39
CA ARG A 343 -14.65 48.42 19.33
C ARG A 343 -13.55 48.13 18.31
N TYR A 344 -13.47 46.88 17.85
CA TYR A 344 -12.38 46.51 16.93
C TYR A 344 -12.34 47.35 15.65
N GLN A 345 -13.50 47.76 15.17
CA GLN A 345 -13.58 48.54 13.92
C GLN A 345 -12.94 49.95 14.01
N GLU A 346 -12.70 50.38 15.24
CA GLU A 346 -12.11 51.70 15.50
C GLU A 346 -10.63 51.65 15.84
N ARG A 347 -10.01 50.47 15.85
CA ARG A 347 -8.59 50.36 16.10
C ARG A 347 -7.77 50.84 14.92
N GLU A 348 -6.57 51.39 15.21
CA GLU A 348 -5.66 51.90 14.18
C GLU A 348 -5.26 50.85 13.10
N ASN A 349 -5.19 49.57 13.48
CA ASN A 349 -4.68 48.46 12.66
C ASN A 349 -5.81 47.80 11.84
N PHE A 350 -7.04 48.22 12.04
CA PHE A 350 -8.21 47.59 11.38
C PHE A 350 -8.24 47.80 9.90
N ARG A 351 -8.06 49.04 9.41
CA ARG A 351 -8.12 49.32 7.98
C ARG A 351 -7.14 48.47 7.18
N GLN A 352 -5.88 48.33 7.64
CA GLN A 352 -4.90 47.55 6.93
C GLN A 352 -5.39 46.15 6.70
N ALA A 353 -5.90 45.55 7.77
CA ALA A 353 -6.30 44.14 7.70
C ALA A 353 -7.51 44.02 6.75
N THR A 354 -8.47 44.94 6.84
CA THR A 354 -9.64 44.91 5.95
C THR A 354 -9.25 45.12 4.50
N GLU A 355 -8.25 45.96 4.20
CA GLU A 355 -7.75 46.09 2.85
C GLU A 355 -7.19 44.81 2.31
N PHE A 356 -6.42 44.11 3.13
CA PHE A 356 -5.86 42.84 2.68
C PHE A 356 -6.97 41.85 2.32
N ARG A 357 -7.96 41.73 3.19
CA ARG A 357 -9.07 40.80 2.95
C ARG A 357 -9.90 41.20 1.73
N ALA A 358 -10.12 42.52 1.55
CA ALA A 358 -10.89 42.98 0.38
C ALA A 358 -10.16 42.68 -0.91
N ALA A 359 -8.83 42.85 -0.96
CA ALA A 359 -8.08 42.59 -2.16
C ALA A 359 -8.17 41.10 -2.51
N TRP A 360 -8.01 40.25 -1.49
CA TRP A 360 -8.12 38.79 -1.67
C TRP A 360 -9.53 38.42 -2.21
N ASP A 361 -10.57 38.94 -1.54
CA ASP A 361 -11.92 38.60 -1.94
C ASP A 361 -12.18 39.04 -3.38
N GLY A 362 -11.66 40.21 -3.78
CA GLY A 362 -11.78 40.64 -5.17
C GLY A 362 -11.10 39.73 -6.17
N TRP A 363 -9.90 39.25 -5.84
CA TRP A 363 -9.21 38.28 -6.69
C TRP A 363 -10.02 36.98 -6.81
N VAL A 364 -10.53 36.47 -5.69
CA VAL A 364 -11.30 35.21 -5.72
C VAL A 364 -12.53 35.41 -6.64
N ARG A 365 -13.23 36.54 -6.47
CA ARG A 365 -14.40 36.80 -7.35
C ARG A 365 -13.99 36.80 -8.82
N GLU A 366 -12.86 37.40 -9.16
CA GLU A 366 -12.36 37.36 -10.54
C GLU A 366 -12.16 35.92 -11.05
N GLN A 367 -11.71 35.04 -10.14
CA GLN A 367 -11.49 33.62 -10.55
C GLN A 367 -12.79 32.86 -10.70
N GLU A 368 -13.86 33.34 -10.16
CA GLU A 368 -15.18 32.71 -10.26
C GLU A 368 -15.90 32.98 -11.56
N SER A 369 -15.39 33.99 -12.29
CA SER A 369 -15.86 34.34 -13.61
C SER A 369 -14.71 33.94 -14.52
N GLY A 370 -14.58 32.64 -14.78
CA GLY A 370 -13.78 32.13 -15.88
C GLY A 370 -14.82 31.86 -16.94
N ASP A 371 -15.79 31.05 -16.52
CA ASP A 371 -17.09 30.86 -17.18
C ASP A 371 -17.14 30.37 -18.64
N GLY A 372 -16.18 29.51 -19.03
CA GLY A 372 -16.28 28.70 -20.31
C GLY A 372 -16.22 27.17 -20.07
N MET A 373 -15.85 26.37 -21.09
CA MET A 373 -15.08 25.13 -20.84
C MET A 373 -13.67 25.40 -21.29
N PRO A 374 -12.70 25.06 -20.45
CA PRO A 374 -12.84 24.39 -19.14
C PRO A 374 -13.43 25.37 -18.09
N ALA A 375 -14.03 24.81 -17.06
CA ALA A 375 -14.59 25.55 -15.95
C ALA A 375 -13.50 25.91 -14.92
N SER A 376 -13.75 26.99 -14.18
CA SER A 376 -12.87 27.38 -13.07
C SER A 376 -13.22 26.58 -11.79
N MET A 377 -12.19 26.07 -11.12
CA MET A 377 -12.40 25.41 -9.83
C MET A 377 -12.89 26.37 -8.75
N PHE A 378 -12.53 27.64 -8.83
CA PHE A 378 -13.10 28.63 -7.90
C PHE A 378 -14.61 28.81 -8.14
N ARG A 379 -15.06 28.78 -9.42
CA ARG A 379 -16.48 28.79 -9.67
C ARG A 379 -17.19 27.59 -9.06
N ALA A 380 -16.60 26.40 -9.18
CA ALA A 380 -17.19 25.22 -8.56
C ALA A 380 -17.36 25.43 -7.06
N MET A 381 -16.35 25.95 -6.37
CA MET A 381 -16.49 26.20 -4.93
C MET A 381 -17.51 27.28 -4.63
N ALA A 382 -17.66 28.31 -5.49
CA ALA A 382 -18.71 29.32 -5.24
C ALA A 382 -20.11 28.67 -5.27
N GLU A 383 -20.27 27.68 -6.16
CA GLU A 383 -21.55 26.93 -6.23
C GLU A 383 -21.77 26.02 -5.00
N VAL A 384 -20.71 25.36 -4.54
CA VAL A 384 -20.78 24.62 -3.28
C VAL A 384 -21.22 25.55 -2.13
N ARG A 385 -20.63 26.74 -2.04
CA ARG A 385 -20.94 27.61 -0.91
C ARG A 385 -22.43 27.95 -0.86
N LYS A 386 -23.11 28.01 -2.00
CA LYS A 386 -24.56 28.31 -2.03
C LYS A 386 -25.41 27.25 -1.36
N VAL A 387 -24.93 26.02 -1.29
CA VAL A 387 -25.65 24.89 -0.69
C VAL A 387 -24.92 24.32 0.54
N GLN A 388 -23.96 25.03 1.11
CA GLN A 388 -23.13 24.60 2.25
C GLN A 388 -23.62 25.20 3.59
N ARG A 389 -23.79 24.35 4.57
CA ARG A 389 -24.19 24.72 5.91
C ARG A 389 -22.96 24.77 6.81
N PRO A 390 -23.08 25.40 7.99
CA PRO A 390 -21.91 25.49 8.89
C PRO A 390 -21.30 24.15 9.36
N GLU A 391 -22.12 23.11 9.44
CA GLU A 391 -21.62 21.81 9.86
C GLU A 391 -21.03 20.99 8.70
N ASP A 392 -21.18 21.44 7.46
CA ASP A 392 -20.75 20.62 6.32
C ASP A 392 -19.22 20.65 6.17
N ILE A 393 -18.73 19.58 5.53
CA ILE A 393 -17.29 19.28 5.47
C ILE A 393 -16.81 19.38 4.00
N ILE A 394 -15.65 20.03 3.83
CA ILE A 394 -14.94 20.14 2.59
C ILE A 394 -13.71 19.25 2.61
N VAL A 395 -13.56 18.41 1.59
CA VAL A 395 -12.41 17.52 1.44
C VAL A 395 -11.71 17.87 0.13
N THR A 396 -10.39 17.73 0.09
CA THR A 396 -9.61 17.85 -1.13
C THR A 396 -8.59 16.74 -1.23
N ASP A 397 -8.12 16.48 -2.46
CA ASP A 397 -6.91 15.70 -2.65
C ASP A 397 -5.74 16.66 -2.98
N ILE A 398 -4.66 16.10 -3.52
CA ILE A 398 -3.36 16.77 -3.65
C ILE A 398 -3.04 17.05 -5.09
N GLY A 399 -2.87 18.32 -5.46
CA GLY A 399 -2.59 18.67 -6.83
C GLY A 399 -2.77 20.15 -7.07
N ASN A 400 -2.79 20.56 -8.35
CA ASN A 400 -3.15 21.95 -8.65
C ASN A 400 -4.44 22.32 -7.93
N HIS A 401 -5.44 21.38 -7.94
CA HIS A 401 -6.74 21.62 -7.36
C HIS A 401 -6.76 21.93 -5.86
N THR A 402 -5.70 21.60 -5.12
CA THR A 402 -5.70 21.88 -3.68
C THR A 402 -5.87 23.38 -3.41
N LEU A 403 -5.21 24.22 -4.22
CA LEU A 403 -5.22 25.67 -3.96
C LEU A 403 -6.66 26.24 -4.09
N PRO A 404 -7.39 25.99 -5.18
CA PRO A 404 -8.78 26.50 -5.25
C PRO A 404 -9.69 25.90 -4.19
N MET A 405 -9.45 24.64 -3.79
CA MET A 405 -10.24 24.05 -2.72
C MET A 405 -10.03 24.79 -1.40
N PHE A 406 -8.77 25.08 -1.04
CA PHE A 406 -8.48 25.81 0.19
C PHE A 406 -8.95 27.26 0.06
N GLY A 407 -8.81 27.86 -1.12
CA GLY A 407 -9.16 29.27 -1.31
C GLY A 407 -10.66 29.53 -1.38
N GLY A 408 -11.41 28.53 -1.83
CA GLY A 408 -12.86 28.61 -1.94
C GLY A 408 -13.63 28.05 -0.74
N ALA A 409 -12.93 27.42 0.18
CA ALA A 409 -13.49 26.95 1.45
C ALA A 409 -13.57 28.13 2.41
N ILE A 410 -14.79 28.48 2.85
CA ILE A 410 -15.02 29.57 3.80
C ILE A 410 -15.81 28.96 4.97
N LEU A 411 -15.15 28.81 6.10
CA LEU A 411 -15.60 27.91 7.18
C LEU A 411 -15.90 28.67 8.47
N GLN A 412 -16.86 28.15 9.20
CA GLN A 412 -17.45 28.74 10.41
C GLN A 412 -17.30 27.86 11.64
N ARG A 413 -16.89 26.60 11.47
CA ARG A 413 -16.75 25.65 12.58
C ARG A 413 -15.42 24.91 12.40
N PRO A 414 -14.92 24.28 13.47
CA PRO A 414 -13.65 23.56 13.37
C PRO A 414 -13.75 22.20 12.68
N ARG A 415 -12.61 21.71 12.21
CA ARG A 415 -12.45 20.34 11.68
C ARG A 415 -13.41 20.09 10.50
N ARG A 416 -13.62 21.13 9.67
CA ARG A 416 -14.44 21.01 8.46
C ARG A 416 -13.63 20.93 7.19
N LEU A 417 -12.31 20.91 7.25
CA LEU A 417 -11.45 20.88 6.05
C LEU A 417 -10.51 19.67 6.20
N VAL A 418 -10.57 18.73 5.26
CA VAL A 418 -9.93 17.43 5.42
C VAL A 418 -9.06 17.08 4.20
N THR A 419 -7.83 16.63 4.44
CA THR A 419 -6.97 16.04 3.43
C THR A 419 -5.80 15.37 4.13
N SER A 420 -4.84 14.87 3.34
CA SER A 420 -3.55 14.40 3.82
C SER A 420 -2.68 15.63 4.08
N MET A 421 -3.00 16.32 5.16
CA MET A 421 -2.38 17.63 5.46
C MET A 421 -0.87 17.55 5.66
N ALA A 422 -0.43 16.57 6.45
CA ALA A 422 0.98 16.54 6.88
C ALA A 422 1.94 15.98 5.82
N GLU A 423 1.43 15.06 4.97
CA GLU A 423 2.27 14.31 4.07
C GLU A 423 1.89 14.45 2.59
N GLY A 424 0.74 15.07 2.26
CA GLY A 424 0.40 15.23 0.87
C GLY A 424 0.39 13.95 0.07
N ILE A 425 -0.26 12.90 0.60
CA ILE A 425 -0.28 11.60 -0.09
C ILE A 425 -1.47 11.54 -1.05
N LEU A 426 -1.16 11.47 -2.36
CA LEU A 426 -2.18 11.42 -3.38
C LEU A 426 -3.11 10.22 -3.18
N GLY A 427 -4.40 10.51 -3.42
CA GLY A 427 -5.46 9.52 -3.35
C GLY A 427 -6.27 9.56 -2.09
N CYS A 428 -5.76 10.24 -1.06
CA CYS A 428 -6.42 10.37 0.24
C CYS A 428 -7.86 10.81 0.22
N GLY A 429 -8.23 11.67 -0.74
CA GLY A 429 -9.42 12.47 -0.59
C GLY A 429 -10.73 11.67 -0.53
N PHE A 430 -10.97 10.81 -1.51
CA PHE A 430 -12.22 10.05 -1.54
C PHE A 430 -12.40 9.17 -0.27
N PRO A 431 -11.41 8.35 0.13
CA PRO A 431 -11.65 7.53 1.35
C PRO A 431 -11.67 8.37 2.63
N MET A 432 -10.85 9.43 2.72
CA MET A 432 -11.00 10.28 3.90
C MET A 432 -12.41 10.89 3.98
N ALA A 433 -12.96 11.28 2.82
CA ALA A 433 -14.34 11.82 2.76
C ALA A 433 -15.37 10.80 3.27
N LEU A 434 -15.22 9.53 2.84
CA LEU A 434 -16.08 8.47 3.35
C LEU A 434 -15.95 8.31 4.86
N GLY A 435 -14.73 8.37 5.38
CA GLY A 435 -14.55 8.29 6.82
C GLY A 435 -15.21 9.43 7.59
N ALA A 436 -15.04 10.67 7.09
CA ALA A 436 -15.70 11.80 7.70
C ALA A 436 -17.23 11.66 7.65
N GLN A 437 -17.76 11.16 6.52
CA GLN A 437 -19.20 10.95 6.40
C GLN A 437 -19.71 9.91 7.42
N LEU A 438 -18.93 8.86 7.65
CA LEU A 438 -19.28 7.85 8.67
C LEU A 438 -19.31 8.46 10.05
N ALA A 439 -18.37 9.37 10.33
CA ALA A 439 -18.30 9.99 11.63
C ALA A 439 -19.49 10.91 11.86
N GLU A 440 -19.95 11.59 10.81
CA GLU A 440 -21.02 12.57 10.92
C GLU A 440 -22.10 12.27 9.86
N PRO A 441 -22.97 11.29 10.18
CA PRO A 441 -23.90 10.83 9.18
C PRO A 441 -24.82 11.90 8.60
N ASN A 442 -25.15 12.92 9.38
CA ASN A 442 -26.07 13.92 8.94
C ASN A 442 -25.43 15.21 8.43
N SER A 443 -24.08 15.28 8.40
CA SER A 443 -23.40 16.36 7.72
C SER A 443 -23.33 16.10 6.25
N ARG A 444 -23.30 17.14 5.43
CA ARG A 444 -22.98 16.96 4.00
C ARG A 444 -21.47 17.08 3.81
N VAL A 445 -20.92 16.21 2.98
CA VAL A 445 -19.49 16.14 2.71
C VAL A 445 -19.29 16.36 1.21
N PHE A 446 -18.55 17.41 0.88
CA PHE A 446 -18.21 17.81 -0.50
C PHE A 446 -16.72 17.55 -0.72
N LEU A 447 -16.38 16.73 -1.73
CA LEU A 447 -15.01 16.45 -2.09
C LEU A 447 -14.69 17.10 -3.44
N GLY A 448 -13.60 17.86 -3.52
CA GLY A 448 -13.03 18.30 -4.77
C GLY A 448 -11.74 17.50 -5.00
N THR A 449 -11.71 16.68 -6.04
CA THR A 449 -10.59 15.82 -6.31
C THR A 449 -10.12 15.93 -7.75
N GLY A 450 -8.81 15.88 -7.93
CA GLY A 450 -8.24 15.71 -9.26
C GLY A 450 -8.56 14.29 -9.76
N ASP A 451 -8.37 14.13 -11.07
CA ASP A 451 -8.50 12.86 -11.76
C ASP A 451 -7.37 11.89 -11.42
N GLY A 452 -6.13 12.39 -11.39
CA GLY A 452 -5.03 11.55 -10.97
C GLY A 452 -5.22 10.98 -9.57
N ALA A 453 -5.78 11.81 -8.67
CA ALA A 453 -6.09 11.41 -7.32
C ALA A 453 -7.24 10.39 -7.24
N LEU A 454 -8.35 10.66 -7.94
CA LEU A 454 -9.52 9.77 -7.78
C LEU A 454 -9.19 8.34 -8.27
N TYR A 455 -8.27 8.23 -9.22
CA TYR A 455 -7.78 6.93 -9.69
C TYR A 455 -7.39 5.97 -8.56
N TYR A 456 -6.87 6.47 -7.45
CA TYR A 456 -6.35 5.61 -6.40
C TYR A 456 -7.44 4.74 -5.76
N HIS A 457 -8.47 5.38 -5.18
CA HIS A 457 -9.39 4.70 -4.27
C HIS A 457 -10.86 4.80 -4.67
N PHE A 458 -11.13 5.07 -5.94
CA PHE A 458 -12.54 5.06 -6.41
C PHE A 458 -13.14 3.66 -6.32
N ASN A 459 -12.32 2.62 -6.19
CA ASN A 459 -12.84 1.29 -5.83
C ASN A 459 -13.71 1.30 -4.57
N GLU A 460 -13.51 2.25 -3.69
CA GLU A 460 -14.31 2.40 -2.48
C GLU A 460 -15.73 2.95 -2.73
N PHE A 461 -16.08 3.20 -4.00
CA PHE A 461 -17.50 3.39 -4.32
C PHE A 461 -18.32 2.17 -3.81
N ARG A 462 -17.72 0.99 -3.72
CA ARG A 462 -18.46 -0.17 -3.18
C ARG A 462 -19.00 0.16 -1.78
N VAL A 463 -18.15 0.73 -0.93
CA VAL A 463 -18.51 1.11 0.43
C VAL A 463 -19.56 2.25 0.41
N ALA A 464 -19.31 3.25 -0.41
CA ALA A 464 -20.20 4.42 -0.47
C ALA A 464 -21.64 3.99 -0.88
N VAL A 465 -21.74 3.09 -1.85
CA VAL A 465 -23.06 2.67 -2.33
C VAL A 465 -23.71 1.72 -1.30
N GLU A 466 -22.96 0.73 -0.78
CA GLU A 466 -23.60 -0.21 0.18
C GLU A 466 -24.09 0.48 1.44
N HIS A 467 -23.27 1.38 1.97
CA HIS A 467 -23.57 2.08 3.21
C HIS A 467 -24.32 3.39 2.99
N LYS A 468 -24.66 3.69 1.76
CA LYS A 468 -25.42 4.90 1.43
C LYS A 468 -24.77 6.14 2.03
N LEU A 469 -23.51 6.33 1.69
CA LEU A 469 -22.73 7.50 2.23
C LEU A 469 -22.80 8.57 1.12
N PRO A 470 -23.64 9.60 1.28
CA PRO A 470 -23.94 10.51 0.14
C PRO A 470 -22.93 11.65 -0.02
N VAL A 471 -21.64 11.27 -0.09
CA VAL A 471 -20.58 12.21 -0.40
C VAL A 471 -20.81 12.75 -1.81
N ILE A 472 -20.66 14.06 -1.95
CA ILE A 472 -20.79 14.74 -3.26
C ILE A 472 -19.37 15.02 -3.75
N THR A 473 -18.90 14.24 -4.73
CA THR A 473 -17.57 14.35 -5.28
C THR A 473 -17.61 15.08 -6.64
N MET A 474 -16.81 16.13 -6.76
CA MET A 474 -16.48 16.80 -7.98
C MET A 474 -15.12 16.31 -8.45
N VAL A 475 -15.08 15.64 -9.62
CA VAL A 475 -13.81 15.24 -10.23
C VAL A 475 -13.41 16.24 -11.30
N PHE A 476 -12.30 16.91 -11.04
CA PHE A 476 -11.74 17.93 -11.91
C PHE A 476 -10.87 17.23 -12.96
N THR A 477 -11.32 17.24 -14.23
CA THR A 477 -10.65 16.44 -15.25
C THR A 477 -9.76 17.32 -16.17
N ASN A 478 -8.50 16.95 -16.26
CA ASN A 478 -7.55 17.56 -17.20
C ASN A 478 -6.62 16.55 -17.83
N GLU A 479 -6.91 15.25 -17.69
CA GLU A 479 -6.11 14.18 -18.32
C GLU A 479 -4.63 14.27 -17.94
N SER A 480 -4.36 14.70 -16.71
CA SER A 480 -2.98 14.94 -16.31
C SER A 480 -2.85 15.07 -14.82
N TYR A 481 -1.61 14.86 -14.39
CA TYR A 481 -1.10 15.33 -13.10
C TYR A 481 -0.74 16.81 -13.38
N GLY A 482 -1.74 17.68 -13.26
CA GLY A 482 -1.63 19.03 -13.81
C GLY A 482 -0.53 19.87 -13.12
N ALA A 483 -0.40 19.74 -11.80
CA ALA A 483 0.69 20.47 -11.14
C ALA A 483 2.03 20.13 -11.79
N ASN A 484 2.25 18.84 -12.01
CA ASN A 484 3.51 18.36 -12.55
C ASN A 484 3.70 18.73 -14.01
N TRP A 485 2.62 18.67 -14.79
CA TRP A 485 2.64 19.08 -16.20
C TRP A 485 3.17 20.53 -16.30
N THR A 486 2.55 21.37 -15.48
CA THR A 486 2.81 22.79 -15.56
C THR A 486 4.20 23.11 -15.04
N LEU A 487 4.56 22.54 -13.89
CA LEU A 487 5.83 22.89 -13.28
C LEU A 487 7.01 22.31 -14.03
N MET A 488 6.89 21.10 -14.58
CA MET A 488 7.97 20.56 -15.40
C MET A 488 8.19 21.42 -16.67
N ASN A 489 7.12 21.91 -17.28
CA ASN A 489 7.28 22.79 -18.45
C ASN A 489 8.14 24.01 -18.06
N HIS A 490 7.91 24.53 -16.87
CA HIS A 490 8.70 25.66 -16.36
C HIS A 490 10.15 25.26 -16.08
N GLN A 491 10.35 24.12 -15.41
CA GLN A 491 11.68 23.71 -14.99
C GLN A 491 12.59 23.26 -16.13
N PHE A 492 12.04 22.54 -17.11
CA PHE A 492 12.83 21.87 -18.16
C PHE A 492 12.42 22.28 -19.57
N GLY A 493 11.27 22.93 -19.75
CA GLY A 493 10.76 23.22 -21.08
C GLY A 493 10.01 22.06 -21.69
N GLN A 494 9.79 20.98 -20.93
CA GLN A 494 9.14 19.77 -21.37
C GLN A 494 8.58 19.02 -20.14
N ASN A 495 7.48 18.32 -20.29
CA ASN A 495 6.88 17.54 -19.20
C ASN A 495 7.03 16.11 -19.59
N ASN A 496 7.15 15.26 -18.59
CA ASN A 496 7.28 13.83 -18.81
C ASN A 496 6.66 13.09 -17.66
N TRP A 497 5.85 12.02 -17.99
CA TRP A 497 5.21 11.17 -16.98
C TRP A 497 3.93 11.79 -16.42
N THR A 498 3.44 12.86 -17.04
CA THR A 498 2.35 13.64 -16.47
C THR A 498 0.95 13.40 -17.05
N GLU A 499 0.85 12.73 -18.20
CA GLU A 499 -0.41 12.61 -18.91
C GLU A 499 -0.93 11.18 -18.84
N PHE A 500 -2.26 11.06 -18.90
CA PHE A 500 -2.93 9.74 -18.89
C PHE A 500 -4.33 9.89 -19.44
N MET A 501 -4.93 8.77 -19.78
CA MET A 501 -6.36 8.71 -20.21
C MET A 501 -7.25 8.59 -18.99
N ASN A 502 -8.41 9.27 -19.02
CA ASN A 502 -9.48 9.05 -18.05
C ASN A 502 -10.46 8.01 -18.57
N PRO A 503 -11.08 7.24 -17.67
CA PRO A 503 -12.28 6.53 -18.09
C PRO A 503 -13.41 7.52 -18.30
N ASP A 504 -14.54 7.01 -18.80
CA ASP A 504 -15.80 7.72 -18.72
C ASP A 504 -16.24 7.72 -17.25
N TRP A 505 -15.95 8.77 -16.50
CA TRP A 505 -16.18 8.78 -15.06
C TRP A 505 -17.66 8.70 -14.74
N VAL A 506 -18.53 9.30 -15.54
CA VAL A 506 -19.97 9.15 -15.35
C VAL A 506 -20.38 7.68 -15.49
N GLY A 507 -19.81 7.02 -16.49
CA GLY A 507 -20.02 5.60 -16.68
C GLY A 507 -19.53 4.72 -15.51
N ILE A 508 -18.38 5.10 -14.92
CA ILE A 508 -17.91 4.43 -13.71
C ILE A 508 -18.92 4.57 -12.58
N ALA A 509 -19.37 5.79 -12.31
CA ALA A 509 -20.35 6.00 -11.26
C ALA A 509 -21.59 5.16 -11.51
N LYS A 510 -22.13 5.21 -12.73
CA LYS A 510 -23.35 4.47 -13.05
C LYS A 510 -23.14 2.95 -12.86
N ALA A 511 -21.95 2.45 -13.23
CA ALA A 511 -21.66 1.01 -13.09
C ALA A 511 -21.69 0.57 -11.62
N PHE A 512 -21.43 1.49 -10.69
CA PHE A 512 -21.51 1.22 -9.26
C PHE A 512 -22.89 1.49 -8.66
N GLY A 513 -23.78 2.15 -9.40
CA GLY A 513 -25.05 2.57 -8.83
C GLY A 513 -24.99 3.90 -8.10
N ALA A 514 -23.91 4.69 -8.29
CA ALA A 514 -23.83 6.04 -7.75
C ALA A 514 -24.46 7.03 -8.76
N TYR A 515 -24.81 8.23 -8.29
CA TYR A 515 -25.27 9.28 -9.19
C TYR A 515 -24.07 9.81 -9.99
N GLY A 516 -24.22 9.99 -11.30
CA GLY A 516 -23.15 10.54 -12.15
C GLY A 516 -23.69 11.58 -13.09
N GLU A 517 -22.94 12.67 -13.29
CA GLU A 517 -23.26 13.72 -14.27
C GLU A 517 -21.97 14.42 -14.69
N SER A 518 -21.89 14.81 -15.96
CA SER A 518 -20.83 15.65 -16.48
C SER A 518 -21.41 17.03 -16.83
N VAL A 519 -20.65 18.08 -16.49
CA VAL A 519 -21.00 19.42 -16.92
C VAL A 519 -20.22 19.88 -18.16
N ARG A 520 -19.54 18.96 -18.85
CA ARG A 520 -18.74 19.36 -20.02
C ARG A 520 -19.51 20.17 -21.06
N GLU A 521 -20.74 19.81 -21.29
CA GLU A 521 -21.56 20.46 -22.36
C GLU A 521 -22.41 21.59 -21.86
N THR A 522 -22.58 21.75 -20.54
CA THR A 522 -23.54 22.63 -19.94
C THR A 522 -22.94 23.71 -19.06
N GLY A 523 -21.82 23.41 -18.39
CA GLY A 523 -21.37 24.26 -17.31
C GLY A 523 -22.25 24.35 -16.08
N ASP A 524 -23.27 23.48 -16.00
CA ASP A 524 -24.33 23.62 -15.01
C ASP A 524 -23.94 22.94 -13.69
N ILE A 525 -22.95 23.49 -13.01
CA ILE A 525 -22.52 23.01 -11.69
C ILE A 525 -23.63 23.16 -10.65
N ALA A 526 -24.35 24.29 -10.69
CA ALA A 526 -25.44 24.50 -9.75
C ALA A 526 -26.48 23.36 -9.84
N GLY A 527 -26.92 23.08 -11.07
CA GLY A 527 -27.93 22.05 -11.30
C GLY A 527 -27.40 20.65 -10.95
N ALA A 528 -26.14 20.38 -11.29
CA ALA A 528 -25.55 19.10 -10.94
C ALA A 528 -25.52 18.87 -9.43
N LEU A 529 -25.20 19.90 -8.65
CA LEU A 529 -25.18 19.79 -7.21
C LEU A 529 -26.59 19.51 -6.68
N GLN A 530 -27.62 20.19 -7.24
CA GLN A 530 -28.99 19.93 -6.79
C GLN A 530 -29.42 18.50 -7.08
N ARG A 531 -29.13 18.04 -8.29
CA ARG A 531 -29.51 16.67 -8.68
C ARG A 531 -28.74 15.64 -7.85
N ALA A 532 -27.46 15.92 -7.59
CA ALA A 532 -26.65 15.00 -6.81
C ALA A 532 -27.19 14.89 -5.41
N ILE A 533 -27.50 16.03 -4.78
CA ILE A 533 -28.08 16.02 -3.45
C ILE A 533 -29.47 15.28 -3.40
N ASP A 534 -30.33 15.59 -4.37
CA ASP A 534 -31.66 14.96 -4.50
C ASP A 534 -31.57 13.44 -4.61
N SER A 535 -30.50 12.94 -5.23
CA SER A 535 -30.39 11.49 -5.46
C SER A 535 -30.38 10.72 -4.16
N GLY A 536 -29.82 11.30 -3.09
CA GLY A 536 -29.60 10.57 -1.86
C GLY A 536 -28.45 9.56 -1.88
N LYS A 537 -27.72 9.53 -2.99
CA LYS A 537 -26.65 8.56 -3.21
C LYS A 537 -25.28 9.24 -3.13
N PRO A 538 -24.19 8.45 -2.99
CA PRO A 538 -22.90 9.05 -3.38
C PRO A 538 -23.00 9.52 -4.81
N ALA A 539 -22.33 10.65 -5.10
CA ALA A 539 -22.45 11.30 -6.42
C ALA A 539 -21.08 11.65 -6.97
N LEU A 540 -20.98 11.61 -8.30
CA LEU A 540 -19.77 12.00 -9.03
C LEU A 540 -20.16 12.99 -10.10
N ILE A 541 -19.61 14.23 -10.01
CA ILE A 541 -19.86 15.30 -10.97
C ILE A 541 -18.54 15.59 -11.67
N GLU A 542 -18.48 15.32 -13.00
CA GLU A 542 -17.28 15.53 -13.77
C GLU A 542 -17.26 16.98 -14.25
N ILE A 543 -16.17 17.69 -13.91
CA ILE A 543 -15.98 19.11 -14.23
C ILE A 543 -14.64 19.24 -14.95
N PRO A 544 -14.68 19.45 -16.28
CA PRO A 544 -13.41 19.70 -16.98
C PRO A 544 -12.75 20.99 -16.55
N VAL A 545 -11.42 20.92 -16.34
CA VAL A 545 -10.62 22.06 -15.91
C VAL A 545 -9.37 22.13 -16.75
N SER A 546 -8.66 23.26 -16.63
CA SER A 546 -7.39 23.38 -17.35
C SER A 546 -6.29 22.56 -16.69
N LYS A 547 -5.19 22.34 -17.41
CA LYS A 547 -4.00 21.73 -16.86
C LYS A 547 -3.22 22.59 -15.88
N THR A 548 -3.47 23.92 -15.95
CA THR A 548 -2.61 24.89 -15.28
C THR A 548 -3.25 25.61 -14.07
N GLN A 549 -4.57 25.67 -13.95
CA GLN A 549 -5.19 26.47 -12.90
C GLN A 549 -4.88 25.86 -11.52
N GLY A 550 -4.55 26.70 -10.56
CA GLY A 550 -4.37 26.28 -9.21
C GLY A 550 -2.94 26.44 -8.74
N LEU A 551 -2.44 25.51 -7.95
CA LEU A 551 -1.11 25.64 -7.30
CA LEU A 551 -1.14 25.69 -7.32
C LEU A 551 -0.04 26.14 -8.28
N ALA A 552 0.05 25.54 -9.45
CA ALA A 552 1.20 25.87 -10.33
C ALA A 552 1.17 27.26 -10.91
N SER A 553 0.01 27.93 -10.96
CA SER A 553 -0.16 29.18 -11.73
C SER A 553 -0.72 30.34 -10.93
N ASP A 554 -1.36 30.13 -9.77
CA ASP A 554 -2.11 31.20 -9.06
C ASP A 554 -1.31 31.73 -7.89
N PRO A 555 -0.94 33.00 -7.94
CA PRO A 555 -0.11 33.58 -6.89
C PRO A 555 -0.94 33.94 -5.69
N VAL A 556 -0.54 33.49 -4.48
CA VAL A 556 -1.24 33.78 -3.23
C VAL A 556 -0.30 34.37 -2.17
N GLY A 557 0.82 34.93 -2.63
CA GLY A 557 1.80 35.51 -1.70
C GLY A 557 2.73 34.53 -1.03
N GLY A 558 2.80 33.30 -1.54
CA GLY A 558 3.75 32.34 -1.00
C GLY A 558 5.19 32.63 -1.26
N VAL A 559 6.07 32.13 -0.40
CA VAL A 559 7.53 32.22 -0.53
C VAL A 559 8.24 30.86 -0.74
N GLY A 560 7.50 29.79 -0.50
CA GLY A 560 8.06 28.43 -0.58
C GLY A 560 6.94 27.44 -0.68
N PRO A 561 7.21 26.16 -0.43
CA PRO A 561 8.52 25.57 -0.21
C PRO A 561 9.32 25.57 -1.50
N ASN A 562 10.60 25.23 -1.34
CA ASN A 562 11.56 25.19 -2.48
C ASN A 562 11.59 23.84 -3.13
N LEU A 563 10.54 23.53 -3.86
CA LEU A 563 10.39 22.17 -4.45
C LEU A 563 11.03 22.09 -5.85
N LEU A 564 11.18 23.23 -6.55
CA LEU A 564 11.79 23.30 -7.88
C LEU A 564 13.22 23.73 -7.67
N LEU A 565 13.88 22.94 -6.84
CA LEU A 565 15.17 23.35 -6.28
C LEU A 565 16.20 23.43 -7.39
N LYS A 566 17.22 24.25 -7.14
CA LYS A 566 18.32 24.40 -8.05
C LYS A 566 19.50 23.54 -7.48
N GLY A 567 20.04 22.78 -8.35
CA GLY A 567 21.21 22.01 -8.00
C GLY A 567 22.46 22.86 -7.77
N ARG A 568 23.41 22.28 -7.06
CA ARG A 568 24.72 22.86 -6.83
C ARG A 568 25.77 21.99 -7.53
N GLU A 569 26.87 22.60 -7.94
CA GLU A 569 28.04 21.84 -8.33
C GLU A 569 28.78 21.37 -7.08
N ILE A 570 28.99 20.08 -7.00
CA ILE A 570 29.60 19.47 -5.84
C ILE A 570 31.01 19.01 -6.19
N PRO A 571 31.99 19.29 -5.34
CA PRO A 571 33.39 18.86 -5.64
C PRO A 571 33.48 17.32 -5.63
N VAL A 572 34.34 16.77 -6.47
CA VAL A 572 34.71 15.36 -6.33
C VAL A 572 35.48 15.13 -5.04
N ASP A 573 35.53 13.89 -4.60
CA ASP A 573 36.31 13.52 -3.43
C ASP A 573 37.78 13.64 -3.72
N THR A 574 38.57 13.81 -2.69
CA THR A 574 40.05 13.90 -2.80
C THR A 574 40.64 12.67 -2.07
N GLY A 575 41.94 12.59 -2.08
CA GLY A 575 42.62 11.38 -1.61
C GLY A 575 42.69 10.28 -2.67
N GLY A 576 43.35 9.21 -2.35
CA GLY A 576 43.47 8.18 -3.36
C GLY A 576 42.34 7.17 -3.53
N SER A 577 41.33 7.18 -2.67
CA SER A 577 40.33 6.08 -2.73
C SER A 577 39.63 6.12 -4.11
N MET A 578 39.31 4.93 -4.62
CA MET A 578 38.73 4.77 -5.93
C MET A 578 37.21 4.52 -5.90
N TYR A 579 36.57 4.57 -7.07
CA TYR A 579 35.23 4.07 -7.23
C TYR A 579 35.20 2.55 -7.41
N PRO A 580 34.07 1.87 -7.11
CA PRO A 580 33.97 0.46 -7.51
C PRO A 580 34.18 0.29 -9.00
N GLY A 581 34.89 -0.74 -9.39
CA GLY A 581 35.19 -1.01 -10.80
C GLY A 581 36.29 -0.13 -11.41
N GLU A 582 36.75 0.89 -10.72
CA GLU A 582 37.76 1.79 -11.24
C GLU A 582 39.08 1.03 -11.45
N ASN A 583 39.30 -0.07 -10.72
CA ASN A 583 40.53 -0.83 -10.92
C ASN A 583 40.80 -1.14 -12.39
N LEU A 584 39.74 -1.44 -13.16
CA LEU A 584 39.90 -1.80 -14.59
C LEU A 584 40.50 -0.66 -15.40
N LEU A 585 40.24 0.57 -15.00
CA LEU A 585 40.69 1.78 -15.70
C LEU A 585 42.19 2.06 -15.56
N HIS A 586 42.84 1.39 -14.61
CA HIS A 586 44.27 1.60 -14.34
C HIS A 586 45.13 0.52 -14.99
N LEU A 587 44.53 -0.46 -15.63
CA LEU A 587 45.29 -1.55 -16.28
C LEU A 587 45.91 -1.05 -17.59
N LYS A 588 47.11 -1.45 -17.85
CA LYS A 588 47.68 -1.04 -19.13
C LYS A 588 47.76 -2.23 -20.10
N ALA B 2 33.02 14.57 -17.42
CA ALA B 2 31.94 15.48 -17.85
C ALA B 2 31.10 15.80 -16.64
N ILE B 3 30.62 17.02 -16.57
CA ILE B 3 29.69 17.40 -15.51
C ILE B 3 28.30 16.80 -15.79
N LYS B 4 27.73 16.12 -14.81
CA LYS B 4 26.44 15.49 -14.95
C LYS B 4 25.57 15.74 -13.72
N ARG B 5 24.25 15.85 -13.91
CA ARG B 5 23.30 15.84 -12.77
C ARG B 5 23.22 14.46 -12.17
N GLY B 6 22.90 14.39 -10.87
CA GLY B 6 22.65 13.10 -10.28
C GLY B 6 21.56 12.33 -11.01
N ALA B 7 20.52 13.01 -11.51
CA ALA B 7 19.48 12.32 -12.24
C ALA B 7 19.99 11.60 -13.46
N ASP B 8 20.90 12.26 -14.19
CA ASP B 8 21.48 11.66 -15.40
C ASP B 8 22.33 10.40 -15.04
N LEU B 9 23.06 10.50 -13.92
CA LEU B 9 23.88 9.40 -13.45
C LEU B 9 23.05 8.21 -12.99
N ILE B 10 21.90 8.46 -12.37
CA ILE B 10 20.99 7.39 -12.01
C ILE B 10 20.55 6.62 -13.27
N VAL B 11 20.14 7.33 -14.29
CA VAL B 11 19.67 6.68 -15.51
C VAL B 11 20.82 5.92 -16.18
N GLU B 12 22.02 6.51 -16.22
CA GLU B 12 23.16 5.78 -16.79
C GLU B 12 23.42 4.48 -16.04
N ALA B 13 23.36 4.52 -14.70
CA ALA B 13 23.61 3.32 -13.93
C ALA B 13 22.54 2.25 -14.21
N LEU B 14 21.27 2.65 -14.27
CA LEU B 14 20.19 1.69 -14.59
C LEU B 14 20.45 1.06 -15.95
N GLU B 15 20.85 1.86 -16.95
CA GLU B 15 21.19 1.29 -18.26
C GLU B 15 22.38 0.31 -18.19
N GLU B 16 23.40 0.67 -17.43
CA GLU B 16 24.60 -0.13 -17.32
C GLU B 16 24.31 -1.53 -16.80
N TYR B 17 23.37 -1.69 -15.87
CA TYR B 17 23.12 -3.00 -15.25
C TYR B 17 21.94 -3.73 -15.87
N GLY B 18 21.51 -3.32 -17.05
CA GLY B 18 20.62 -4.15 -17.84
C GLY B 18 19.13 -3.85 -17.79
N THR B 19 18.78 -2.70 -17.20
CA THR B 19 17.37 -2.33 -17.09
C THR B 19 16.77 -2.29 -18.50
N GLU B 20 15.56 -2.84 -18.65
CA GLU B 20 14.75 -2.78 -19.87
C GLU B 20 13.47 -1.99 -19.73
N GLN B 21 12.85 -2.12 -18.55
CA GLN B 21 11.49 -1.62 -18.34
C GLN B 21 11.46 -0.77 -17.08
N VAL B 22 11.14 0.48 -17.17
CA VAL B 22 10.94 1.33 -16.00
C VAL B 22 9.46 1.47 -15.73
N VAL B 23 9.09 1.42 -14.44
CA VAL B 23 7.77 1.73 -13.97
C VAL B 23 7.98 2.91 -13.00
N GLY B 24 7.43 4.08 -13.34
CA GLY B 24 7.77 5.31 -12.65
C GLY B 24 6.55 6.15 -12.30
N PHE B 25 6.65 6.92 -11.22
CA PHE B 25 5.54 7.81 -10.82
C PHE B 25 6.09 9.23 -10.55
N ILE B 26 5.45 10.21 -11.17
CA ILE B 26 5.88 11.59 -11.10
C ILE B 26 5.50 12.28 -9.80
N GLY B 27 6.35 13.22 -9.45
CA GLY B 27 6.16 14.19 -8.40
C GLY B 27 7.42 15.06 -8.36
N HIS B 28 7.40 16.16 -7.61
CA HIS B 28 8.59 17.08 -7.70
C HIS B 28 9.88 16.37 -7.37
N THR B 29 9.87 15.35 -6.47
CA THR B 29 11.12 14.69 -6.15
C THR B 29 11.63 13.77 -7.26
N SER B 30 10.73 13.31 -8.15
CA SER B 30 11.17 12.52 -9.32
C SER B 30 11.21 13.35 -10.62
N HIS B 31 11.02 14.67 -10.55
CA HIS B 31 11.04 15.48 -11.77
C HIS B 31 12.37 15.39 -12.53
N PHE B 32 13.49 15.53 -11.82
CA PHE B 32 14.80 15.49 -12.50
C PHE B 32 15.03 14.11 -13.11
N VAL B 33 14.73 13.05 -12.38
CA VAL B 33 14.88 11.69 -12.89
C VAL B 33 13.99 11.50 -14.12
N ALA B 34 12.72 11.94 -14.10
CA ALA B 34 11.86 11.80 -15.30
C ALA B 34 12.41 12.57 -16.48
N ASP B 35 12.94 13.79 -16.24
CA ASP B 35 13.56 14.57 -17.32
C ASP B 35 14.77 13.80 -17.90
N ALA B 36 15.61 13.25 -17.04
CA ALA B 36 16.77 12.45 -17.51
C ALA B 36 16.31 11.25 -18.32
N PHE B 37 15.26 10.56 -17.88
CA PHE B 37 14.78 9.40 -18.63
C PHE B 37 14.31 9.81 -20.04
N SER B 38 13.73 11.01 -20.19
CA SER B 38 13.19 11.47 -21.49
C SER B 38 14.29 11.63 -22.53
N LYS B 39 15.52 11.75 -22.09
CA LYS B 39 16.71 11.88 -22.93
C LYS B 39 17.50 10.59 -23.11
N SER B 40 16.93 9.47 -22.72
CA SER B 40 17.61 8.16 -22.72
C SER B 40 16.81 7.13 -23.51
N HIS B 41 17.50 6.10 -23.96
CA HIS B 41 16.87 4.90 -24.51
C HIS B 41 15.73 4.38 -23.63
N LEU B 42 15.98 4.26 -22.33
CA LEU B 42 14.95 3.73 -21.41
C LEU B 42 13.69 4.50 -21.33
N GLY B 43 13.75 5.81 -21.61
CA GLY B 43 12.57 6.64 -21.58
C GLY B 43 11.48 6.18 -22.52
N LYS B 44 11.84 5.44 -23.60
CA LYS B 44 10.86 5.00 -24.58
C LYS B 44 9.87 4.01 -24.00
N ARG B 45 10.23 3.32 -22.94
CA ARG B 45 9.38 2.22 -22.42
C ARG B 45 8.71 2.47 -21.07
N VAL B 46 8.82 3.63 -20.49
CA VAL B 46 8.30 3.88 -19.16
C VAL B 46 6.77 3.69 -19.06
N ILE B 47 6.36 3.01 -18.00
CA ILE B 47 4.95 2.86 -17.60
C ILE B 47 4.70 3.74 -16.40
N ASN B 48 3.67 4.60 -16.49
CA ASN B 48 3.21 5.40 -15.37
C ASN B 48 1.90 4.78 -14.82
N PRO B 49 1.94 4.07 -13.69
CA PRO B 49 0.77 3.30 -13.25
C PRO B 49 -0.24 4.20 -12.56
N ALA B 50 -1.46 3.67 -12.38
CA ALA B 50 -2.47 4.42 -11.64
C ALA B 50 -2.05 4.63 -10.20
N THR B 51 -1.42 3.61 -9.57
CA THR B 51 -0.89 3.76 -8.20
C THR B 51 0.49 3.09 -8.11
N GLU B 52 1.29 3.47 -7.11
CA GLU B 52 2.62 2.92 -6.95
C GLU B 52 2.58 1.42 -6.58
N LEU B 53 1.61 1.00 -5.77
CA LEU B 53 1.50 -0.45 -5.46
C LEU B 53 1.14 -1.24 -6.71
N GLY B 54 0.21 -0.74 -7.55
CA GLY B 54 -0.06 -1.41 -8.80
C GLY B 54 1.19 -1.51 -9.66
N GLY B 55 1.96 -0.42 -9.75
CA GLY B 55 3.20 -0.46 -10.51
C GLY B 55 4.24 -1.43 -9.95
N ALA B 56 4.34 -1.52 -8.61
CA ALA B 56 5.25 -2.46 -8.00
C ALA B 56 4.86 -3.91 -8.28
N TRP B 57 3.56 -4.18 -8.37
CA TRP B 57 3.10 -5.52 -8.79
C TRP B 57 3.50 -5.80 -10.26
N MET B 58 3.43 -4.77 -11.12
CA MET B 58 3.88 -4.95 -12.50
C MET B 58 5.36 -5.32 -12.54
N VAL B 59 6.19 -4.63 -11.74
CA VAL B 59 7.61 -4.97 -11.64
C VAL B 59 7.78 -6.46 -11.27
N ASN B 60 7.00 -6.91 -10.27
CA ASN B 60 7.10 -8.31 -9.85
C ASN B 60 6.70 -9.27 -10.99
N GLY B 61 5.61 -9.01 -11.69
CA GLY B 61 5.19 -9.93 -12.76
C GLY B 61 6.22 -10.00 -13.87
N TYR B 62 6.77 -8.84 -14.27
CA TYR B 62 7.80 -8.77 -15.31
C TYR B 62 9.02 -9.58 -14.90
N ASN B 63 9.53 -9.31 -13.69
CA ASN B 63 10.78 -9.92 -13.26
C ASN B 63 10.62 -11.37 -12.84
N TYR B 64 9.43 -11.80 -12.42
CA TYR B 64 9.21 -13.23 -12.15
C TYR B 64 9.44 -14.07 -13.40
N VAL B 65 8.90 -13.59 -14.54
CA VAL B 65 9.06 -14.35 -15.76
C VAL B 65 10.45 -14.21 -16.37
N LYS B 66 11.18 -13.13 -16.09
CA LYS B 66 12.51 -12.91 -16.67
C LYS B 66 13.66 -13.47 -15.80
N ASP B 67 13.44 -13.69 -14.49
CA ASP B 67 14.51 -14.16 -13.59
C ASP B 67 15.70 -13.22 -13.50
N ARG B 68 15.44 -11.91 -13.63
CA ARG B 68 16.46 -10.86 -13.44
C ARG B 68 15.72 -9.53 -13.19
N SER B 69 16.42 -8.51 -12.72
CA SER B 69 15.75 -7.23 -12.44
C SER B 69 15.67 -6.37 -13.70
N ALA B 70 15.02 -6.91 -14.73
CA ALA B 70 14.83 -6.21 -15.99
C ALA B 70 13.88 -5.03 -15.87
N ALA B 71 12.90 -5.14 -15.01
CA ALA B 71 12.04 -4.00 -14.66
C ALA B 71 12.52 -3.40 -13.34
N VAL B 72 12.41 -2.05 -13.27
CA VAL B 72 12.82 -1.27 -12.10
C VAL B 72 11.73 -0.25 -11.78
N GLY B 73 11.57 0.04 -10.49
CA GLY B 73 10.67 1.13 -10.07
C GLY B 73 11.41 2.40 -9.77
N ALA B 74 10.78 3.54 -10.05
CA ALA B 74 11.34 4.87 -9.76
C ALA B 74 10.22 5.77 -9.25
N TRP B 75 10.29 6.20 -7.97
CA TRP B 75 9.13 6.72 -7.29
C TRP B 75 9.40 8.02 -6.55
N HIS B 76 8.54 9.01 -6.75
CA HIS B 76 8.48 10.23 -5.91
C HIS B 76 8.21 9.85 -4.46
N CYS B 77 8.98 10.46 -3.57
CA CYS B 77 9.00 10.31 -2.10
C CYS B 77 7.82 9.51 -1.53
N VAL B 78 6.69 10.16 -1.19
CA VAL B 78 5.64 9.47 -0.43
C VAL B 78 4.98 8.34 -1.16
N GLY B 79 5.11 8.25 -2.48
CA GLY B 79 4.62 7.05 -3.17
C GLY B 79 5.40 5.78 -2.85
N ASN B 80 6.66 5.92 -2.35
CA ASN B 80 7.37 4.77 -1.84
C ASN B 80 6.66 4.11 -0.66
N LEU B 81 5.82 4.86 0.05
CA LEU B 81 5.09 4.32 1.20
C LEU B 81 4.06 3.25 0.82
N LEU B 82 3.74 3.14 -0.49
CA LEU B 82 2.79 2.12 -0.98
C LEU B 82 3.49 0.83 -1.44
N LEU B 83 4.82 0.71 -1.36
CA LEU B 83 5.51 -0.41 -1.98
C LEU B 83 5.53 -1.71 -1.16
N HIS B 84 5.31 -1.61 0.17
CA HIS B 84 5.71 -2.70 1.07
C HIS B 84 5.09 -4.05 0.72
N ALA B 85 3.81 -4.13 0.35
CA ALA B 85 3.17 -5.44 0.09
C ALA B 85 3.89 -6.17 -1.07
N ALA B 86 4.04 -5.48 -2.20
CA ALA B 86 4.69 -6.10 -3.35
C ALA B 86 6.15 -6.41 -3.05
N MET B 87 6.83 -5.54 -2.28
CA MET B 87 8.20 -5.79 -1.94
C MET B 87 8.38 -7.05 -1.09
N GLN B 88 7.44 -7.31 -0.18
CA GLN B 88 7.48 -8.51 0.65
C GLN B 88 7.34 -9.78 -0.21
N GLU B 89 6.39 -9.80 -1.15
CA GLU B 89 6.29 -10.92 -2.08
C GLU B 89 7.61 -11.15 -2.83
N ALA B 90 8.25 -10.07 -3.29
CA ALA B 90 9.51 -10.22 -4.01
C ALA B 90 10.58 -10.90 -3.14
N ARG B 91 10.60 -10.57 -1.84
CA ARG B 91 11.58 -11.17 -0.94
C ARG B 91 11.39 -12.68 -0.81
N THR B 92 10.26 -13.09 -0.25
CA THR B 92 10.06 -14.52 0.00
C THR B 92 9.80 -15.31 -1.28
N GLY B 93 9.30 -14.62 -2.31
CA GLY B 93 9.05 -15.27 -3.62
C GLY B 93 10.25 -15.26 -4.56
N ARG B 94 11.40 -14.77 -4.07
CA ARG B 94 12.64 -14.83 -4.86
C ARG B 94 12.51 -14.15 -6.21
N ILE B 95 11.96 -12.93 -6.21
CA ILE B 95 11.82 -12.12 -7.45
C ILE B 95 12.85 -10.98 -7.37
N PRO B 96 13.82 -10.97 -8.32
CA PRO B 96 14.76 -9.84 -8.34
C PRO B 96 14.00 -8.55 -8.64
N ALA B 97 14.26 -7.47 -7.90
CA ALA B 97 13.55 -6.21 -8.15
C ALA B 97 14.16 -4.95 -7.48
C ALA B 97 14.53 -5.13 -7.59
N VAL B 98 14.70 -4.06 -8.32
CA VAL B 98 15.34 -2.84 -7.82
C VAL B 98 14.30 -1.73 -7.84
N HIS B 99 14.20 -1.02 -6.72
CA HIS B 99 13.34 0.15 -6.55
C HIS B 99 14.18 1.36 -6.11
N ILE B 100 14.04 2.46 -6.86
CA ILE B 100 14.72 3.72 -6.58
C ILE B 100 13.68 4.71 -6.04
N GLY B 101 13.83 5.09 -4.78
CA GLY B 101 12.96 6.07 -4.15
C GLY B 101 13.65 7.40 -4.05
N LEU B 102 13.02 8.45 -4.58
CA LEU B 102 13.56 9.81 -4.49
C LEU B 102 12.93 10.51 -3.29
N ASN B 103 13.68 10.66 -2.21
CA ASN B 103 13.16 11.24 -1.01
C ASN B 103 13.18 12.77 -1.13
N SER B 104 12.64 13.45 -0.13
CA SER B 104 12.67 14.91 -0.06
C SER B 104 14.10 15.42 0.26
N ASP B 105 14.23 16.76 0.26
CA ASP B 105 15.55 17.39 0.33
C ASP B 105 16.31 16.94 1.59
N GLY B 106 17.55 16.50 1.41
CA GLY B 106 18.41 16.09 2.53
C GLY B 106 18.64 17.20 3.54
N ARG B 107 18.55 18.46 3.10
CA ARG B 107 18.72 19.59 4.04
C ARG B 107 17.63 19.55 5.12
N LEU B 108 16.43 19.09 4.74
CA LEU B 108 15.28 19.16 5.64
C LEU B 108 15.13 17.88 6.48
N ALA B 109 15.83 16.82 6.09
CA ALA B 109 15.69 15.52 6.76
C ALA B 109 16.06 15.66 8.23
N GLY B 110 15.25 15.08 9.09
CA GLY B 110 15.47 15.10 10.54
C GLY B 110 14.73 16.20 11.26
N ARG B 111 14.21 17.20 10.55
CA ARG B 111 13.43 18.24 11.19
C ARG B 111 12.07 17.68 11.59
N SER B 112 11.66 17.94 12.82
CA SER B 112 10.48 17.21 13.32
C SER B 112 9.21 17.55 12.61
N GLU B 113 9.07 18.76 12.08
CA GLU B 113 7.82 19.16 11.40
C GLU B 113 7.99 19.20 9.89
N ALA B 114 8.92 18.39 9.35
CA ALA B 114 9.13 18.30 7.92
C ALA B 114 8.04 17.50 7.24
N ALA B 115 7.74 17.84 5.98
CA ALA B 115 6.74 17.12 5.18
C ALA B 115 7.45 16.17 4.20
N GLN B 116 6.86 15.01 3.97
CA GLN B 116 7.29 14.08 2.95
C GLN B 116 8.73 13.59 3.16
N GLN B 117 9.17 13.49 4.42
CA GLN B 117 10.46 12.85 4.72
C GLN B 117 10.16 11.35 4.95
N VAL B 118 10.44 10.55 3.94
CA VAL B 118 9.99 9.15 3.96
C VAL B 118 10.87 8.34 4.91
N PRO B 119 10.23 7.51 5.75
CA PRO B 119 10.99 6.65 6.68
C PRO B 119 11.49 5.41 5.91
N TRP B 120 12.63 5.56 5.24
CA TRP B 120 13.24 4.49 4.46
C TRP B 120 13.59 3.26 5.35
N GLN B 121 13.77 3.47 6.65
CA GLN B 121 14.06 2.35 7.53
CA GLN B 121 14.02 2.40 7.60
C GLN B 121 12.87 1.39 7.66
N SER B 122 11.69 1.81 7.23
CA SER B 122 10.57 0.90 7.16
C SER B 122 10.81 -0.29 6.22
N PHE B 123 11.73 -0.14 5.25
CA PHE B 123 12.03 -1.23 4.33
C PHE B 123 13.11 -2.18 4.86
N THR B 124 13.83 -1.83 5.93
CA THR B 124 14.92 -2.65 6.41
C THR B 124 14.54 -4.13 6.62
N PRO B 125 13.36 -4.43 7.24
CA PRO B 125 13.00 -5.84 7.46
C PRO B 125 12.44 -6.56 6.22
N ILE B 126 12.27 -5.85 5.13
CA ILE B 126 11.60 -6.35 3.91
C ILE B 126 12.56 -6.53 2.76
N ALA B 127 13.24 -5.46 2.35
CA ALA B 127 14.17 -5.58 1.22
C ALA B 127 15.34 -6.47 1.59
N ARG B 128 15.92 -7.18 0.62
CA ARG B 128 17.20 -7.86 0.87
C ARG B 128 18.36 -6.89 1.00
N SER B 129 18.22 -5.70 0.44
CA SER B 129 19.21 -4.60 0.59
C SER B 129 18.45 -3.30 0.68
N THR B 130 18.70 -2.52 1.73
CA THR B 130 18.16 -1.18 1.94
C THR B 130 19.32 -0.21 2.06
N GLN B 131 19.41 0.77 1.17
CA GLN B 131 20.49 1.76 1.19
C GLN B 131 19.93 3.16 1.17
N ARG B 132 20.34 4.01 2.07
CA ARG B 132 20.11 5.43 2.05
C ARG B 132 21.40 6.10 1.53
N VAL B 133 21.31 6.79 0.40
CA VAL B 133 22.43 7.45 -0.25
C VAL B 133 22.59 8.84 0.37
N GLU B 134 23.76 9.10 0.95
CA GLU B 134 24.04 10.38 1.61
C GLU B 134 24.71 11.39 0.70
N ARG B 135 25.42 10.91 -0.31
CA ARG B 135 26.36 11.71 -1.13
C ARG B 135 26.10 11.46 -2.61
N LEU B 136 26.16 12.50 -3.41
CA LEU B 136 26.04 12.38 -4.86
C LEU B 136 27.03 11.38 -5.46
N ASP B 137 28.29 11.41 -4.99
CA ASP B 137 29.29 10.53 -5.58
C ASP B 137 29.13 9.05 -5.21
N LYS B 138 28.09 8.70 -4.45
CA LYS B 138 27.73 7.32 -4.14
C LYS B 138 26.53 6.80 -4.94
N VAL B 139 25.93 7.61 -5.82
CA VAL B 139 24.71 7.14 -6.49
C VAL B 139 24.99 5.95 -7.42
N GLY B 140 26.09 6.00 -8.19
CA GLY B 140 26.40 4.88 -9.07
C GLY B 140 26.74 3.60 -8.29
N GLU B 141 27.57 3.77 -7.26
CA GLU B 141 27.94 2.70 -6.37
C GLU B 141 26.72 2.01 -5.71
N ALA B 142 25.79 2.81 -5.23
CA ALA B 142 24.60 2.25 -4.53
C ALA B 142 23.75 1.45 -5.52
N ILE B 143 23.58 1.94 -6.73
CA ILE B 143 22.78 1.23 -7.72
C ILE B 143 23.45 -0.07 -8.15
N HIS B 144 24.79 -0.05 -8.31
CA HIS B 144 25.58 -1.24 -8.60
C HIS B 144 25.32 -2.32 -7.51
N GLU B 145 25.39 -1.93 -6.23
CA GLU B 145 25.14 -2.86 -5.13
C GLU B 145 23.72 -3.42 -5.16
N ALA B 146 22.75 -2.55 -5.46
CA ALA B 146 21.34 -2.98 -5.50
C ALA B 146 21.10 -4.13 -6.47
N PHE B 147 21.64 -3.99 -7.69
CA PHE B 147 21.49 -5.07 -8.67
C PHE B 147 22.22 -6.35 -8.22
N ARG B 148 23.42 -6.20 -7.65
CA ARG B 148 24.16 -7.37 -7.21
C ARG B 148 23.34 -8.16 -6.19
N VAL B 149 22.73 -7.49 -5.22
CA VAL B 149 21.95 -8.21 -4.21
C VAL B 149 20.67 -8.76 -4.83
N ALA B 150 19.99 -7.96 -5.64
CA ALA B 150 18.68 -8.38 -6.18
C ALA B 150 18.80 -9.67 -7.01
N GLU B 151 19.88 -9.80 -7.78
CA GLU B 151 20.04 -10.85 -8.77
C GLU B 151 20.89 -12.03 -8.23
N GLY B 152 21.16 -12.06 -6.93
CA GLY B 152 21.88 -13.17 -6.31
C GLY B 152 21.01 -14.41 -6.06
N HIS B 153 21.54 -15.30 -5.22
CA HIS B 153 20.89 -16.51 -4.73
C HIS B 153 20.89 -16.46 -3.21
N PRO B 154 19.78 -16.12 -2.55
CA PRO B 154 18.44 -15.92 -3.13
C PRO B 154 18.23 -14.58 -3.86
N ALA B 155 17.38 -14.58 -4.85
CA ALA B 155 16.99 -13.34 -5.51
C ALA B 155 16.02 -12.57 -4.61
N GLY B 156 15.87 -11.27 -4.83
CA GLY B 156 14.94 -10.50 -4.07
C GLY B 156 15.01 -9.02 -4.38
N PRO B 157 14.28 -8.22 -3.60
CA PRO B 157 14.18 -6.79 -3.83
C PRO B 157 15.33 -6.02 -3.16
N ALA B 158 15.69 -4.91 -3.81
CA ALA B 158 16.64 -3.94 -3.26
C ALA B 158 16.03 -2.55 -3.38
N TYR B 159 16.10 -1.77 -2.30
CA TYR B 159 15.56 -0.43 -2.25
C TYR B 159 16.71 0.57 -2.03
N VAL B 160 16.75 1.63 -2.85
CA VAL B 160 17.75 2.69 -2.78
C VAL B 160 17.02 4.02 -2.58
N ASP B 161 17.27 4.68 -1.44
CA ASP B 161 16.62 5.93 -1.10
C ASP B 161 17.63 7.08 -1.38
N ILE B 162 17.24 8.02 -2.24
CA ILE B 162 18.15 9.09 -2.68
C ILE B 162 17.45 10.42 -2.43
N PRO B 163 17.92 11.27 -1.50
CA PRO B 163 17.30 12.58 -1.32
C PRO B 163 17.41 13.37 -2.61
N PHE B 164 16.31 14.02 -3.04
CA PHE B 164 16.21 14.47 -4.45
C PHE B 164 17.09 15.64 -4.79
N ASP B 165 17.56 16.39 -3.79
CA ASP B 165 18.55 17.44 -4.06
C ASP B 165 19.77 16.83 -4.77
N LEU B 166 20.14 15.60 -4.46
CA LEU B 166 21.31 14.99 -5.10
C LEU B 166 21.03 14.72 -6.57
N THR B 167 19.75 14.58 -6.95
CA THR B 167 19.41 14.36 -8.35
C THR B 167 19.52 15.64 -9.21
N ALA B 168 19.39 16.78 -8.56
CA ALA B 168 19.56 18.10 -9.20
C ALA B 168 21.02 18.57 -9.19
N ASP B 169 21.76 18.22 -8.16
CA ASP B 169 23.17 18.57 -8.02
C ASP B 169 23.98 17.99 -9.17
N GLN B 170 25.15 18.55 -9.43
CA GLN B 170 26.01 18.17 -10.55
C GLN B 170 27.43 17.89 -10.03
N ILE B 171 28.11 16.99 -10.74
CA ILE B 171 29.48 16.58 -10.36
C ILE B 171 30.19 16.08 -11.61
N ASP B 172 31.51 16.17 -11.63
CA ASP B 172 32.26 15.50 -12.68
C ASP B 172 32.09 13.98 -12.58
N ASP B 173 31.79 13.35 -13.73
CA ASP B 173 31.39 11.97 -13.75
C ASP B 173 32.48 10.92 -13.91
N LYS B 174 33.74 11.30 -13.93
CA LYS B 174 34.79 10.33 -14.22
C LYS B 174 34.75 9.15 -13.25
N ALA B 175 34.56 7.95 -13.79
CA ALA B 175 34.56 6.67 -13.07
C ALA B 175 33.39 6.48 -12.05
N LEU B 176 32.42 7.40 -12.07
CA LEU B 176 31.42 7.44 -10.98
C LEU B 176 30.43 6.28 -11.09
N VAL B 177 29.98 5.98 -12.30
CA VAL B 177 29.12 4.81 -12.54
C VAL B 177 30.01 3.59 -12.82
N PRO B 178 29.99 2.56 -11.92
CA PRO B 178 30.89 1.41 -12.18
C PRO B 178 30.55 0.68 -13.50
N ARG B 179 31.54 0.53 -14.37
CA ARG B 179 31.32 -0.08 -15.65
C ARG B 179 31.87 -1.46 -15.72
N GLY B 180 31.14 -2.34 -16.44
CA GLY B 180 31.59 -3.70 -16.70
C GLY B 180 31.48 -4.64 -15.49
N ALA B 181 30.38 -4.49 -14.78
N ALA B 181 30.41 -4.59 -14.77
CA ALA B 181 30.03 -5.31 -13.57
CA ALA B 181 30.19 -5.60 -13.75
C ALA B 181 30.20 -6.78 -13.92
C ALA B 181 29.82 -6.95 -14.41
N THR B 182 30.77 -7.52 -12.96
N THR B 182 30.42 -8.02 -13.88
CA THR B 182 31.28 -8.88 -13.18
CA THR B 182 30.31 -9.38 -14.44
C THR B 182 30.34 -9.96 -12.62
C THR B 182 29.96 -10.27 -13.28
N ARG B 183 30.44 -11.20 -13.12
N ARG B 183 29.49 -11.46 -13.59
CA ARG B 183 29.63 -12.25 -12.53
CA ARG B 183 29.25 -12.44 -12.59
C ARG B 183 30.22 -13.64 -12.71
N ALA B 184 30.18 -14.46 -11.67
CA ALA B 184 30.66 -15.82 -11.74
C ALA B 184 29.60 -16.67 -12.48
N LYS B 185 30.04 -17.75 -13.12
CA LYS B 185 29.09 -18.74 -13.65
C LYS B 185 28.25 -19.31 -12.49
N SER B 186 27.03 -19.67 -12.81
CA SER B 186 26.03 -20.23 -11.86
C SER B 186 25.91 -21.76 -11.99
N VAL B 187 26.66 -22.38 -12.88
CA VAL B 187 26.63 -23.81 -13.13
C VAL B 187 27.48 -24.56 -12.10
N LEU B 188 27.07 -24.42 -10.84
CA LEU B 188 27.75 -25.04 -9.72
C LEU B 188 27.59 -26.58 -9.81
N HIS B 189 28.72 -27.28 -9.80
CA HIS B 189 28.78 -28.69 -9.88
C HIS B 189 28.80 -29.38 -8.51
N ALA B 190 28.06 -30.50 -8.35
CA ALA B 190 28.09 -31.26 -7.10
C ALA B 190 29.37 -32.10 -7.02
N PRO B 191 29.82 -32.44 -5.82
CA PRO B 191 30.87 -33.45 -5.65
C PRO B 191 30.45 -34.78 -6.26
N ASN B 192 31.35 -35.46 -6.97
CA ASN B 192 31.02 -36.73 -7.61
C ASN B 192 30.44 -37.75 -6.62
N GLU B 193 30.92 -37.78 -5.38
CA GLU B 193 30.42 -38.71 -4.31
CA GLU B 193 30.40 -38.80 -4.48
C GLU B 193 28.92 -38.53 -4.11
N ASP B 194 28.48 -37.28 -4.16
CA ASP B 194 27.08 -36.97 -3.94
C ASP B 194 26.20 -37.37 -5.11
N VAL B 195 26.70 -37.17 -6.32
CA VAL B 195 25.99 -37.60 -7.52
C VAL B 195 25.85 -39.14 -7.48
N ARG B 196 26.94 -39.84 -7.12
CA ARG B 196 26.90 -41.31 -6.96
CA ARG B 196 26.92 -41.31 -6.94
C ARG B 196 25.88 -41.75 -5.94
N GLU B 197 25.82 -41.08 -4.82
CA GLU B 197 24.86 -41.43 -3.78
C GLU B 197 23.42 -41.25 -4.27
N ALA B 198 23.11 -40.12 -4.92
CA ALA B 198 21.79 -39.91 -5.48
C ALA B 198 21.42 -40.98 -6.47
N ALA B 199 22.36 -41.36 -7.35
CA ALA B 199 22.08 -42.42 -8.31
C ALA B 199 21.79 -43.74 -7.61
N ALA B 200 22.57 -44.08 -6.58
CA ALA B 200 22.37 -45.32 -5.85
C ALA B 200 20.99 -45.33 -5.16
N GLN B 201 20.56 -44.17 -4.62
CA GLN B 201 19.24 -44.12 -3.99
C GLN B 201 18.12 -44.28 -5.02
N LEU B 202 18.27 -43.65 -6.18
CA LEU B 202 17.24 -43.81 -7.24
C LEU B 202 17.12 -45.29 -7.68
N VAL B 203 18.26 -45.95 -7.85
CA VAL B 203 18.24 -47.39 -8.21
C VAL B 203 17.59 -48.22 -7.18
N ALA B 204 17.93 -48.01 -5.93
CA ALA B 204 17.45 -48.84 -4.87
C ALA B 204 15.93 -48.65 -4.67
N ALA B 205 15.43 -47.44 -4.89
CA ALA B 205 14.05 -47.11 -4.56
C ALA B 205 13.09 -48.02 -5.35
N LYS B 206 11.96 -48.37 -4.77
CA LYS B 206 10.90 -49.11 -5.48
C LYS B 206 9.89 -48.17 -6.15
N ASN B 207 9.67 -46.99 -5.54
CA ASN B 207 8.74 -46.04 -6.22
CA ASN B 207 8.67 -46.03 -6.01
C ASN B 207 9.20 -44.60 -5.85
N PRO B 208 10.27 -44.24 -6.54
CA PRO B 208 10.83 -42.90 -6.38
C PRO B 208 10.02 -41.83 -7.09
N VAL B 209 10.31 -40.57 -6.71
CA VAL B 209 9.74 -39.41 -7.39
C VAL B 209 10.85 -38.35 -7.52
N ILE B 210 10.78 -37.60 -8.60
CA ILE B 210 11.60 -36.37 -8.74
C ILE B 210 10.69 -35.19 -8.49
N LEU B 211 11.09 -34.31 -7.54
CA LEU B 211 10.32 -33.12 -7.21
CA LEU B 211 10.34 -33.11 -7.16
C LEU B 211 11.11 -31.91 -7.71
N ALA B 212 10.55 -31.25 -8.72
CA ALA B 212 11.19 -30.10 -9.38
C ALA B 212 10.48 -28.81 -9.01
N GLY B 213 11.22 -27.88 -8.42
CA GLY B 213 10.68 -26.58 -8.06
C GLY B 213 11.11 -25.45 -8.98
N GLY B 214 10.85 -24.24 -8.54
CA GLY B 214 11.13 -23.03 -9.34
C GLY B 214 12.61 -22.89 -9.68
N GLY B 215 13.48 -23.46 -8.86
CA GLY B 215 14.91 -23.40 -9.18
C GLY B 215 15.27 -24.15 -10.45
N VAL B 216 14.47 -25.16 -10.82
CA VAL B 216 14.70 -25.82 -12.12
C VAL B 216 14.40 -24.86 -13.26
N ALA B 217 13.38 -24.03 -13.09
CA ALA B 217 13.06 -22.99 -14.08
C ALA B 217 14.19 -21.93 -14.13
N ARG B 218 14.62 -21.43 -12.99
CA ARG B 218 15.69 -20.43 -13.00
C ARG B 218 16.96 -21.01 -13.65
N SER B 219 17.23 -22.28 -13.39
CA SER B 219 18.40 -22.96 -13.90
C SER B 219 18.37 -23.24 -15.40
N GLY B 220 17.17 -23.22 -15.98
CA GLY B 220 17.00 -23.62 -17.40
C GLY B 220 17.11 -25.11 -17.59
N GLY B 221 16.63 -25.91 -16.62
CA GLY B 221 16.84 -27.36 -16.59
C GLY B 221 15.78 -28.27 -17.24
N SER B 222 14.87 -27.70 -18.05
CA SER B 222 13.79 -28.56 -18.64
C SER B 222 14.33 -29.70 -19.47
N GLU B 223 15.31 -29.44 -20.33
CA GLU B 223 15.80 -30.51 -21.22
C GLU B 223 16.44 -31.63 -20.43
N ALA B 224 17.27 -31.27 -19.44
CA ALA B 224 17.92 -32.25 -18.64
C ALA B 224 16.90 -33.08 -17.82
N LEU B 225 15.89 -32.39 -17.29
CA LEU B 225 14.86 -33.08 -16.48
C LEU B 225 14.11 -34.11 -17.34
N LEU B 226 13.74 -33.74 -18.54
CA LEU B 226 13.06 -34.71 -19.45
C LEU B 226 13.94 -35.94 -19.70
N LYS B 227 15.22 -35.71 -20.02
CA LYS B 227 16.13 -36.83 -20.28
C LYS B 227 16.33 -37.71 -19.05
N LEU B 228 16.49 -37.09 -17.88
CA LEU B 228 16.67 -37.81 -16.66
C LEU B 228 15.42 -38.65 -16.32
N ALA B 229 14.25 -38.01 -16.33
CA ALA B 229 13.02 -38.71 -15.93
C ALA B 229 12.73 -39.91 -16.85
N GLU B 230 12.95 -39.72 -18.14
CA GLU B 230 12.76 -40.87 -19.06
C GLU B 230 13.83 -41.94 -18.90
N MET B 231 15.07 -41.55 -18.62
CA MET B 231 16.13 -42.54 -18.49
C MET B 231 15.96 -43.49 -17.28
N VAL B 232 15.56 -42.95 -16.13
CA VAL B 232 15.35 -43.73 -14.96
C VAL B 232 13.90 -44.25 -14.89
N GLY B 233 12.98 -43.59 -15.61
CA GLY B 233 11.54 -43.94 -15.57
C GLY B 233 10.91 -43.62 -14.21
N VAL B 234 11.01 -42.36 -13.84
CA VAL B 234 10.56 -41.86 -12.53
C VAL B 234 9.53 -40.76 -12.72
N PRO B 235 8.38 -40.85 -12.01
CA PRO B 235 7.41 -39.77 -12.10
C PRO B 235 7.94 -38.43 -11.57
N VAL B 236 7.37 -37.40 -12.15
CA VAL B 236 7.79 -36.02 -11.82
C VAL B 236 6.63 -35.25 -11.18
N VAL B 237 6.92 -34.70 -10.00
CA VAL B 237 6.03 -33.80 -9.27
C VAL B 237 6.73 -32.42 -9.28
N THR B 238 5.94 -31.34 -9.30
CA THR B 238 6.49 -30.00 -9.19
C THR B 238 5.93 -29.24 -7.98
N THR B 239 6.58 -28.13 -7.69
CA THR B 239 5.92 -27.05 -6.95
C THR B 239 5.16 -26.17 -7.93
N SER B 240 4.40 -25.21 -7.40
CA SER B 240 3.63 -24.33 -8.26
C SER B 240 4.51 -23.39 -9.10
N THR B 241 5.72 -23.04 -8.65
CA THR B 241 6.64 -22.25 -9.45
C THR B 241 7.46 -23.11 -10.41
N GLY B 242 7.54 -24.42 -10.16
CA GLY B 242 8.18 -25.35 -11.10
C GLY B 242 7.27 -25.90 -12.19
N ALA B 243 5.94 -25.85 -11.99
CA ALA B 243 5.01 -26.41 -12.98
C ALA B 243 5.37 -25.90 -14.37
N GLY B 244 5.43 -26.80 -15.33
CA GLY B 244 5.81 -26.47 -16.69
C GLY B 244 7.26 -26.73 -17.05
N VAL B 245 8.14 -26.99 -16.08
CA VAL B 245 9.48 -27.44 -16.41
C VAL B 245 9.50 -28.86 -16.95
N PHE B 246 8.43 -29.61 -16.70
CA PHE B 246 8.23 -30.94 -17.26
C PHE B 246 6.91 -30.92 -18.02
N PRO B 247 6.82 -31.39 -19.27
CA PRO B 247 5.55 -31.20 -20.01
C PRO B 247 4.40 -31.92 -19.30
N GLU B 248 3.33 -31.20 -18.99
CA GLU B 248 2.32 -31.79 -18.10
C GLU B 248 1.33 -32.72 -18.80
N THR B 249 1.51 -32.90 -20.12
CA THR B 249 0.82 -33.93 -20.91
C THR B 249 1.62 -35.25 -20.96
N HIS B 250 2.84 -35.30 -20.42
CA HIS B 250 3.66 -36.52 -20.43
C HIS B 250 3.08 -37.57 -19.50
N ALA B 251 3.25 -38.84 -19.86
CA ALA B 251 2.81 -39.96 -19.03
C ALA B 251 3.38 -39.98 -17.62
N LEU B 252 4.60 -39.43 -17.42
CA LEU B 252 5.23 -39.40 -16.11
C LEU B 252 4.88 -38.14 -15.30
N ALA B 253 4.09 -37.22 -15.88
CA ALA B 253 3.76 -35.94 -15.22
C ALA B 253 2.62 -36.16 -14.22
N MET B 254 2.93 -35.96 -12.94
CA MET B 254 1.90 -36.02 -11.92
C MET B 254 1.30 -34.66 -11.56
N GLY B 255 1.90 -33.57 -12.07
CA GLY B 255 1.48 -32.22 -11.68
C GLY B 255 2.16 -31.73 -10.41
N SER B 256 1.59 -30.68 -9.83
CA SER B 256 2.12 -30.04 -8.65
C SER B 256 1.52 -30.63 -7.38
N ALA B 257 2.40 -30.91 -6.43
CA ALA B 257 1.98 -31.27 -5.07
C ALA B 257 1.59 -29.99 -4.33
N GLY B 258 0.80 -30.17 -3.27
CA GLY B 258 0.42 -29.12 -2.36
C GLY B 258 -1.08 -28.93 -2.23
N PHE B 259 -1.51 -27.95 -1.43
CA PHE B 259 -2.92 -27.87 -1.05
C PHE B 259 -3.82 -27.28 -2.14
N CYS B 260 -3.24 -26.62 -3.16
CA CYS B 260 -3.99 -26.19 -4.33
C CYS B 260 -3.53 -26.92 -5.58
N GLY B 261 -2.83 -28.05 -5.41
CA GLY B 261 -2.24 -28.81 -6.48
C GLY B 261 -3.11 -29.92 -7.01
N TRP B 262 -2.47 -30.85 -7.70
CA TRP B 262 -3.16 -31.98 -8.35
C TRP B 262 -3.11 -33.21 -7.45
N LYS B 263 -4.26 -33.91 -7.34
CA LYS B 263 -4.28 -35.05 -6.43
C LYS B 263 -3.34 -36.14 -6.87
N SER B 264 -3.07 -36.24 -8.18
CA SER B 264 -2.11 -37.24 -8.60
C SER B 264 -0.73 -37.05 -8.00
N ALA B 265 -0.31 -35.79 -7.85
CA ALA B 265 0.96 -35.45 -7.24
C ALA B 265 0.99 -35.71 -5.72
N ASN B 266 -0.11 -35.35 -5.05
CA ASN B 266 -0.21 -35.65 -3.63
C ASN B 266 -0.25 -37.17 -3.38
N ASP B 267 -0.98 -37.89 -4.22
CA ASP B 267 -1.02 -39.35 -4.14
C ASP B 267 0.41 -39.94 -4.32
N MET B 268 1.13 -39.44 -5.32
CA MET B 268 2.50 -39.95 -5.57
C MET B 268 3.44 -39.62 -4.42
N MET B 269 3.34 -38.39 -3.88
CA MET B 269 4.20 -38.05 -2.74
C MET B 269 3.90 -38.94 -1.51
N ALA B 270 2.64 -39.31 -1.33
CA ALA B 270 2.25 -40.16 -0.19
C ALA B 270 2.73 -41.61 -0.35
N ALA B 271 2.84 -42.05 -1.61
CA ALA B 271 3.25 -43.43 -1.93
C ALA B 271 4.77 -43.62 -2.03
N ALA B 272 5.49 -42.56 -2.34
CA ALA B 272 6.91 -42.66 -2.67
C ALA B 272 7.77 -43.13 -1.50
N ASP B 273 8.81 -43.93 -1.82
CA ASP B 273 9.80 -44.32 -0.80
C ASP B 273 11.09 -43.50 -0.87
N PHE B 274 11.21 -42.60 -1.83
CA PHE B 274 12.41 -41.78 -2.02
C PHE B 274 12.06 -40.59 -2.91
N VAL B 275 12.56 -39.39 -2.54
CA VAL B 275 12.37 -38.21 -3.39
C VAL B 275 13.71 -37.57 -3.70
N LEU B 276 13.92 -37.20 -4.97
CA LEU B 276 15.02 -36.32 -5.36
C LEU B 276 14.47 -34.90 -5.53
N VAL B 277 14.80 -33.99 -4.60
CA VAL B 277 14.26 -32.61 -4.60
C VAL B 277 15.29 -31.70 -5.29
N LEU B 278 14.86 -31.02 -6.36
CA LEU B 278 15.67 -30.16 -7.16
C LEU B 278 15.07 -28.75 -7.22
N GLY B 279 15.78 -27.76 -6.68
CA GLY B 279 15.32 -26.39 -6.76
C GLY B 279 13.98 -26.07 -6.12
N SER B 280 13.77 -26.60 -4.91
CA SER B 280 12.62 -26.23 -4.10
C SER B 280 13.03 -25.85 -2.70
N ARG B 281 12.34 -24.87 -2.12
CA ARG B 281 12.59 -24.48 -0.74
C ARG B 281 11.64 -25.16 0.26
N LEU B 282 10.79 -26.09 -0.21
CA LEU B 282 9.91 -26.89 0.68
C LEU B 282 9.15 -25.97 1.63
N SER B 283 8.41 -25.03 1.04
CA SER B 283 7.86 -23.92 1.79
C SER B 283 6.49 -24.22 2.43
N ASP B 284 6.12 -23.34 3.36
CA ASP B 284 4.90 -23.41 4.17
C ASP B 284 3.64 -23.65 3.32
N TRP B 285 3.36 -22.74 2.38
CA TRP B 285 2.19 -22.92 1.50
C TRP B 285 2.52 -23.69 0.21
N GLY B 286 3.75 -24.24 0.16
CA GLY B 286 4.16 -25.17 -0.88
C GLY B 286 4.24 -26.58 -0.32
N ILE B 287 5.36 -27.26 -0.53
CA ILE B 287 5.40 -28.68 -0.22
C ILE B 287 5.14 -28.96 1.25
N ALA B 288 5.53 -28.06 2.16
CA ALA B 288 5.36 -28.32 3.61
C ALA B 288 3.90 -28.36 4.07
N GLN B 289 3.00 -27.67 3.36
CA GLN B 289 1.59 -27.58 3.73
C GLN B 289 1.40 -27.25 5.25
N GLY B 290 1.98 -26.13 5.68
CA GLY B 290 1.89 -25.71 7.09
C GLY B 290 2.73 -26.53 8.02
N TYR B 291 3.80 -27.13 7.45
CA TYR B 291 4.77 -27.93 8.24
C TYR B 291 4.14 -29.24 8.80
N ILE B 292 3.17 -29.73 8.03
CA ILE B 292 2.47 -30.98 8.30
C ILE B 292 2.95 -32.11 7.38
N THR B 293 3.33 -31.79 6.13
CA THR B 293 3.67 -32.88 5.19
C THR B 293 4.79 -33.74 5.76
N LYS B 294 4.62 -35.08 5.61
CA LYS B 294 5.65 -36.04 5.93
C LYS B 294 6.42 -36.35 4.67
N MET B 295 7.68 -35.98 4.62
CA MET B 295 8.56 -36.28 3.50
C MET B 295 9.11 -37.68 3.64
N PRO B 296 9.11 -38.45 2.55
CA PRO B 296 9.89 -39.68 2.48
C PRO B 296 11.43 -39.31 2.58
N LYS B 297 12.31 -40.29 2.81
CA LYS B 297 13.74 -40.01 2.74
C LYS B 297 14.05 -39.31 1.42
N PHE B 298 14.92 -38.28 1.49
CA PHE B 298 15.11 -37.47 0.30
C PHE B 298 16.52 -36.87 0.17
N VAL B 299 16.95 -36.70 -1.09
CA VAL B 299 18.15 -35.91 -1.42
C VAL B 299 17.68 -34.51 -1.81
N HIS B 300 18.35 -33.47 -1.33
CA HIS B 300 17.91 -32.08 -1.54
C HIS B 300 19.06 -31.31 -2.18
N VAL B 301 18.82 -30.81 -3.40
CA VAL B 301 19.82 -30.11 -4.23
C VAL B 301 19.36 -28.66 -4.46
N ASP B 302 20.17 -27.69 -4.05
CA ASP B 302 19.81 -26.26 -4.17
C ASP B 302 21.08 -25.42 -4.28
N THR B 303 20.96 -24.23 -4.88
CA THR B 303 22.04 -23.25 -4.91
C THR B 303 22.15 -22.42 -3.62
N ASP B 304 21.11 -22.42 -2.77
CA ASP B 304 21.08 -21.61 -1.58
C ASP B 304 21.19 -22.51 -0.33
N PRO B 305 22.36 -22.57 0.30
CA PRO B 305 22.51 -23.45 1.45
C PRO B 305 21.52 -23.19 2.59
N ALA B 306 21.00 -21.98 2.67
CA ALA B 306 20.03 -21.66 3.73
C ALA B 306 18.73 -22.47 3.68
N VAL B 307 18.31 -22.94 2.49
CA VAL B 307 17.07 -23.70 2.40
C VAL B 307 17.31 -25.17 2.75
N LEU B 308 18.56 -25.66 2.70
CA LEU B 308 18.89 -27.04 2.89
C LEU B 308 18.94 -27.38 4.39
N GLY B 309 17.96 -28.12 4.90
CA GLY B 309 17.99 -28.58 6.29
C GLY B 309 17.43 -27.59 7.31
N THR B 310 16.76 -26.53 6.88
CA THR B 310 16.20 -25.62 7.86
C THR B 310 15.04 -26.28 8.64
N PHE B 311 14.24 -27.11 7.96
CA PHE B 311 13.07 -27.72 8.57
C PHE B 311 12.95 -29.21 8.31
N TYR B 312 13.02 -29.58 7.03
CA TYR B 312 13.03 -31.01 6.65
C TYR B 312 14.49 -31.45 6.53
N PHE B 313 14.88 -32.45 7.34
CA PHE B 313 16.28 -32.89 7.32
C PHE B 313 16.45 -33.93 6.22
N PRO B 314 17.28 -33.64 5.18
CA PRO B 314 17.42 -34.61 4.09
C PRO B 314 18.36 -35.76 4.48
N LEU B 315 18.22 -36.88 3.75
CA LEU B 315 19.24 -37.94 3.80
C LEU B 315 20.60 -37.36 3.38
N LEU B 316 20.60 -36.53 2.34
CA LEU B 316 21.77 -35.93 1.73
C LEU B 316 21.41 -34.55 1.21
N SER B 317 22.23 -33.57 1.57
CA SER B 317 22.07 -32.18 1.11
C SER B 317 23.22 -31.87 0.15
N VAL B 318 22.91 -31.17 -0.94
CA VAL B 318 23.87 -30.89 -2.00
C VAL B 318 23.72 -29.44 -2.47
N VAL B 319 24.82 -28.69 -2.47
CA VAL B 319 24.82 -27.32 -3.06
C VAL B 319 25.25 -27.45 -4.53
N ALA B 320 24.29 -27.27 -5.43
CA ALA B 320 24.58 -27.35 -6.86
C ALA B 320 23.46 -26.72 -7.68
N ASP B 321 23.81 -26.31 -8.89
CA ASP B 321 22.84 -25.89 -9.88
C ASP B 321 22.00 -27.08 -10.32
N ALA B 322 20.69 -26.88 -10.49
CA ALA B 322 19.77 -28.00 -10.80
C ALA B 322 20.08 -28.66 -12.14
N LYS B 323 20.18 -27.86 -13.19
CA LYS B 323 20.51 -28.40 -14.53
C LYS B 323 21.82 -29.19 -14.48
N THR B 324 22.83 -28.55 -13.89
CA THR B 324 24.17 -29.17 -13.84
C THR B 324 24.08 -30.50 -13.11
N PHE B 325 23.41 -30.53 -11.95
CA PHE B 325 23.33 -31.77 -11.18
C PHE B 325 22.66 -32.88 -11.98
N MET B 326 21.56 -32.53 -12.65
CA MET B 326 20.89 -33.53 -13.49
C MET B 326 21.82 -34.06 -14.58
N GLU B 327 22.58 -33.19 -15.23
CA GLU B 327 23.55 -33.62 -16.26
C GLU B 327 24.61 -34.54 -15.66
N GLN B 328 25.10 -34.22 -14.47
CA GLN B 328 26.05 -35.10 -13.79
C GLN B 328 25.45 -36.47 -13.50
N LEU B 329 24.18 -36.50 -13.10
CA LEU B 329 23.51 -37.72 -12.76
CA LEU B 329 23.49 -37.77 -12.79
C LEU B 329 23.31 -38.60 -14.03
N ILE B 330 22.89 -37.97 -15.12
CA ILE B 330 22.74 -38.67 -16.40
C ILE B 330 24.05 -39.37 -16.77
N GLU B 331 25.18 -38.71 -16.55
CA GLU B 331 26.48 -39.30 -16.90
C GLU B 331 26.85 -40.46 -16.02
N VAL B 332 26.50 -40.42 -14.74
CA VAL B 332 26.93 -41.46 -13.82
C VAL B 332 26.01 -42.68 -13.85
N LEU B 333 24.76 -42.53 -14.27
CA LEU B 333 23.79 -43.61 -14.06
C LEU B 333 24.19 -44.91 -14.80
N PRO B 334 24.63 -44.83 -16.08
CA PRO B 334 25.01 -46.10 -16.77
C PRO B 334 26.30 -46.43 -16.08
C PRO B 334 26.03 -47.00 -16.08
N GLY B 335 26.50 -47.59 -15.51
N GLY B 335 26.95 -46.41 -15.29
CA GLY B 335 27.65 -47.67 -14.74
CA GLY B 335 28.00 -47.07 -14.45
C GLY B 335 27.36 -47.78 -13.27
C GLY B 335 27.62 -47.26 -12.99
N THR B 336 26.32 -47.11 -12.73
CA THR B 336 25.85 -47.34 -11.36
C THR B 336 25.37 -48.83 -11.21
N SER B 337 25.84 -49.52 -10.17
CA SER B 337 25.39 -50.89 -9.87
C SER B 337 23.86 -50.97 -9.87
N GLY B 338 23.32 -51.90 -10.63
CA GLY B 338 21.88 -52.12 -10.63
C GLY B 338 21.09 -51.32 -11.65
N PHE B 339 21.69 -50.31 -12.27
CA PHE B 339 21.01 -49.54 -13.33
C PHE B 339 20.93 -50.36 -14.62
N LYS B 340 19.75 -50.39 -15.22
CA LYS B 340 19.58 -50.97 -16.53
C LYS B 340 18.72 -50.05 -17.40
N ALA B 341 19.10 -49.88 -18.66
CA ALA B 341 18.32 -49.13 -19.63
C ALA B 341 17.08 -49.92 -20.05
N VAL B 342 15.90 -49.36 -19.77
CA VAL B 342 14.58 -49.95 -20.04
C VAL B 342 13.66 -48.75 -20.40
N ARG B 343 12.76 -48.91 -21.36
CA ARG B 343 11.74 -47.89 -21.67
C ARG B 343 10.91 -47.59 -20.43
N TYR B 344 10.65 -46.30 -20.15
CA TYR B 344 9.98 -45.96 -18.89
C TYR B 344 8.62 -46.66 -18.74
N GLN B 345 7.93 -46.90 -19.86
CA GLN B 345 6.63 -47.57 -19.81
C GLN B 345 6.70 -48.99 -19.32
N GLU B 346 7.89 -49.57 -19.38
CA GLU B 346 8.11 -50.97 -18.92
C GLU B 346 8.63 -51.17 -17.51
N ARG B 347 8.87 -50.05 -16.80
CA ARG B 347 9.36 -50.12 -15.48
C ARG B 347 8.24 -50.57 -14.56
N GLU B 348 8.60 -51.23 -13.46
CA GLU B 348 7.62 -51.77 -12.53
C GLU B 348 6.78 -50.70 -11.83
N ASN B 349 7.33 -49.49 -11.66
CA ASN B 349 6.64 -48.38 -10.95
C ASN B 349 5.67 -47.56 -11.87
N PHE B 350 5.66 -47.80 -13.16
CA PHE B 350 4.92 -46.98 -14.13
C PHE B 350 3.40 -47.08 -13.93
N ARG B 351 2.90 -48.30 -13.72
CA ARG B 351 1.45 -48.45 -13.63
C ARG B 351 0.86 -47.65 -12.48
N GLN B 352 1.50 -47.71 -11.34
CA GLN B 352 1.02 -46.93 -10.18
C GLN B 352 0.85 -45.43 -10.52
N ALA B 353 1.90 -44.87 -11.11
CA ALA B 353 1.88 -43.43 -11.41
C ALA B 353 0.81 -43.09 -12.43
N THR B 354 0.69 -43.94 -13.47
CA THR B 354 -0.32 -43.67 -14.49
C THR B 354 -1.74 -43.80 -13.92
N GLU B 355 -1.95 -44.72 -12.98
CA GLU B 355 -3.24 -44.82 -12.33
C GLU B 355 -3.56 -43.56 -11.49
N PHE B 356 -2.58 -43.04 -10.76
CA PHE B 356 -2.84 -41.80 -10.04
C PHE B 356 -3.24 -40.65 -10.98
N ARG B 357 -2.52 -40.49 -12.08
CA ARG B 357 -2.79 -39.41 -13.03
C ARG B 357 -4.18 -39.61 -13.68
N ALA B 358 -4.50 -40.86 -14.04
CA ALA B 358 -5.80 -41.14 -14.68
C ALA B 358 -6.96 -40.81 -13.74
N ALA B 359 -6.82 -41.13 -12.45
CA ALA B 359 -7.87 -40.84 -11.48
C ALA B 359 -8.09 -39.32 -11.36
N TRP B 360 -6.98 -38.58 -11.27
CA TRP B 360 -7.05 -37.08 -11.23
C TRP B 360 -7.71 -36.53 -12.51
N ASP B 361 -7.24 -36.98 -13.68
CA ASP B 361 -7.80 -36.48 -14.92
C ASP B 361 -9.32 -36.74 -14.98
N GLY B 362 -9.76 -37.91 -14.51
CA GLY B 362 -11.18 -38.21 -14.52
C GLY B 362 -11.97 -37.28 -13.61
N TRP B 363 -11.42 -36.98 -12.44
CA TRP B 363 -12.07 -36.02 -11.53
C TRP B 363 -12.14 -34.62 -12.19
N VAL B 364 -11.05 -34.18 -12.80
CA VAL B 364 -11.05 -32.87 -13.47
C VAL B 364 -12.13 -32.84 -14.55
N ARG B 365 -12.24 -33.92 -15.34
CA ARG B 365 -13.29 -33.96 -16.36
C ARG B 365 -14.67 -33.86 -15.72
N GLU B 366 -14.88 -34.51 -14.59
CA GLU B 366 -16.17 -34.39 -13.91
C GLU B 366 -16.44 -32.91 -13.50
N GLN B 367 -15.40 -32.17 -13.13
CA GLN B 367 -15.62 -30.78 -12.70
C GLN B 367 -15.90 -29.86 -13.87
N GLU B 368 -15.45 -30.27 -15.05
CA GLU B 368 -15.68 -29.52 -16.29
C GLU B 368 -17.07 -29.72 -16.86
N SER B 369 -17.70 -30.81 -16.47
CA SER B 369 -19.02 -31.19 -16.99
C SER B 369 -20.12 -30.28 -16.45
N GLY B 370 -21.06 -29.95 -17.30
CA GLY B 370 -22.21 -29.17 -16.93
C GLY B 370 -21.94 -27.78 -17.43
N ASP B 371 -22.73 -27.33 -18.38
CA ASP B 371 -22.71 -25.95 -18.85
C ASP B 371 -23.67 -25.12 -18.02
N GLY B 372 -24.09 -23.99 -18.54
CA GLY B 372 -24.98 -23.13 -17.75
C GLY B 372 -24.35 -22.44 -16.53
N MET B 373 -25.20 -21.91 -15.65
CA MET B 373 -24.82 -21.03 -14.53
C MET B 373 -25.29 -21.57 -13.18
N PRO B 374 -24.52 -21.36 -12.10
CA PRO B 374 -23.20 -20.75 -12.14
C PRO B 374 -22.20 -21.66 -12.89
N ALA B 375 -21.18 -21.05 -13.49
CA ALA B 375 -20.18 -21.81 -14.21
C ALA B 375 -19.21 -22.46 -13.25
N SER B 376 -18.74 -23.63 -13.60
CA SER B 376 -17.57 -24.23 -12.95
C SER B 376 -16.27 -23.56 -13.44
N MET B 377 -15.39 -23.20 -12.51
CA MET B 377 -14.12 -22.60 -12.87
C MET B 377 -13.23 -23.60 -13.63
N PHE B 378 -13.38 -24.90 -13.34
CA PHE B 378 -12.69 -25.90 -14.14
C PHE B 378 -13.19 -25.88 -15.60
N ARG B 379 -14.49 -25.69 -15.83
CA ARG B 379 -14.98 -25.58 -17.21
CA ARG B 379 -15.02 -25.53 -17.19
C ARG B 379 -14.41 -24.31 -17.88
N ALA B 380 -14.34 -23.20 -17.14
CA ALA B 380 -13.75 -21.98 -17.70
C ALA B 380 -12.31 -22.28 -18.20
N MET B 381 -11.52 -22.98 -17.36
CA MET B 381 -10.16 -23.32 -17.76
C MET B 381 -10.09 -24.33 -18.92
N ALA B 382 -11.08 -25.24 -19.01
CA ALA B 382 -11.12 -26.12 -20.19
C ALA B 382 -11.34 -25.34 -21.47
N GLU B 383 -12.15 -24.28 -21.40
CA GLU B 383 -12.37 -23.37 -22.54
C GLU B 383 -11.09 -22.58 -22.87
N VAL B 384 -10.40 -22.08 -21.85
CA VAL B 384 -9.10 -21.44 -22.11
C VAL B 384 -8.16 -22.39 -22.84
N ARG B 385 -8.11 -23.64 -22.38
CA ARG B 385 -7.16 -24.60 -22.99
C ARG B 385 -7.37 -24.77 -24.46
N LYS B 386 -8.60 -24.66 -24.95
CA LYS B 386 -8.88 -24.78 -26.38
C LYS B 386 -8.25 -23.67 -27.21
N VAL B 387 -7.93 -22.53 -26.60
CA VAL B 387 -7.34 -21.38 -27.30
C VAL B 387 -5.96 -21.03 -26.72
N GLN B 388 -5.32 -21.93 -25.98
CA GLN B 388 -4.07 -21.68 -25.27
C GLN B 388 -2.91 -22.35 -25.99
N ARG B 389 -1.85 -21.59 -26.22
CA ARG B 389 -0.63 -22.06 -26.83
C ARG B 389 0.44 -22.32 -25.76
N PRO B 390 1.48 -23.11 -26.09
CA PRO B 390 2.52 -23.39 -25.10
C PRO B 390 3.22 -22.18 -24.46
N GLU B 391 3.36 -21.11 -25.22
CA GLU B 391 3.98 -19.88 -24.74
C GLU B 391 3.09 -19.02 -23.87
N ASP B 392 1.80 -19.31 -23.87
CA ASP B 392 0.84 -18.45 -23.16
C ASP B 392 0.98 -18.58 -21.64
N ILE B 393 0.57 -17.51 -20.94
CA ILE B 393 0.73 -17.37 -19.49
C ILE B 393 -0.64 -17.41 -18.80
N ILE B 394 -0.69 -18.18 -17.69
CA ILE B 394 -1.86 -18.26 -16.82
C ILE B 394 -1.52 -17.48 -15.53
N VAL B 395 -2.41 -16.53 -15.18
CA VAL B 395 -2.29 -15.76 -13.95
C VAL B 395 -3.54 -16.01 -13.10
N THR B 396 -3.35 -16.05 -11.79
CA THR B 396 -4.43 -16.12 -10.83
C THR B 396 -4.25 -15.11 -9.72
N ASP B 397 -5.35 -14.78 -9.03
CA ASP B 397 -5.31 -14.10 -7.75
C ASP B 397 -5.51 -15.15 -6.62
N ILE B 398 -5.81 -14.67 -5.43
CA ILE B 398 -5.80 -15.45 -4.18
C ILE B 398 -7.23 -15.61 -3.68
N GLY B 399 -7.68 -16.88 -3.54
CA GLY B 399 -9.03 -17.14 -3.08
C GLY B 399 -9.45 -18.56 -3.41
N ASN B 400 -10.75 -18.84 -3.26
CA ASN B 400 -11.23 -20.14 -3.73
C ASN B 400 -10.75 -20.44 -5.14
N HIS B 401 -10.83 -19.41 -6.00
CA HIS B 401 -10.46 -19.55 -7.41
C HIS B 401 -9.05 -20.01 -7.68
N THR B 402 -8.13 -19.88 -6.73
CA THR B 402 -6.75 -20.28 -6.99
C THR B 402 -6.68 -21.77 -7.34
N LEU B 403 -7.47 -22.60 -6.64
CA LEU B 403 -7.37 -24.04 -6.81
C LEU B 403 -7.77 -24.48 -8.25
N PRO B 404 -8.95 -24.05 -8.78
CA PRO B 404 -9.25 -24.42 -10.15
C PRO B 404 -8.28 -23.81 -11.16
N MET B 405 -7.73 -22.62 -10.89
CA MET B 405 -6.72 -22.06 -11.81
C MET B 405 -5.50 -22.95 -11.87
N PHE B 406 -4.99 -23.41 -10.71
CA PHE B 406 -3.84 -24.31 -10.67
C PHE B 406 -4.19 -25.68 -11.24
N GLY B 407 -5.41 -26.18 -10.98
CA GLY B 407 -5.79 -27.52 -11.43
C GLY B 407 -6.13 -27.60 -12.91
N GLY B 408 -6.54 -26.49 -13.49
CA GLY B 408 -6.89 -26.43 -14.91
C GLY B 408 -5.80 -25.86 -15.81
N ALA B 409 -4.70 -25.40 -15.19
CA ALA B 409 -3.51 -24.94 -15.91
C ALA B 409 -2.70 -26.22 -16.26
N ILE B 410 -2.54 -26.54 -17.55
CA ILE B 410 -1.75 -27.70 -17.98
C ILE B 410 -0.64 -27.08 -18.87
N LEU B 411 0.59 -27.14 -18.38
CA LEU B 411 1.66 -26.31 -18.90
C LEU B 411 2.81 -27.14 -19.49
N GLN B 412 3.43 -26.55 -20.50
CA GLN B 412 4.46 -27.22 -21.30
C GLN B 412 5.81 -26.51 -21.29
N ARG B 413 5.85 -25.30 -20.72
CA ARG B 413 7.07 -24.47 -20.68
C ARG B 413 7.15 -23.84 -19.29
N PRO B 414 8.36 -23.40 -18.88
CA PRO B 414 8.52 -22.78 -17.54
C PRO B 414 8.00 -21.36 -17.42
N ARG B 415 7.78 -20.94 -16.17
CA ARG B 415 7.45 -19.54 -15.83
C ARG B 415 6.20 -19.08 -16.57
N ARG B 416 5.22 -19.99 -16.73
CA ARG B 416 3.95 -19.67 -17.33
C ARG B 416 2.79 -19.55 -16.33
N LEU B 417 3.04 -19.68 -15.04
CA LEU B 417 2.02 -19.64 -13.99
C LEU B 417 2.42 -18.56 -12.98
N VAL B 418 1.59 -17.54 -12.81
CA VAL B 418 1.99 -16.32 -12.10
C VAL B 418 0.96 -15.92 -11.03
N THR B 419 1.43 -15.66 -9.80
CA THR B 419 0.61 -15.05 -8.75
C THR B 419 1.55 -14.56 -7.63
N SER B 420 0.96 -14.08 -6.54
CA SER B 420 1.69 -13.80 -5.32
C SER B 420 1.94 -15.14 -4.59
N MET B 421 2.89 -15.91 -5.13
CA MET B 421 3.11 -17.29 -4.69
C MET B 421 3.52 -17.39 -3.23
N ALA B 422 4.45 -16.54 -2.82
CA ALA B 422 5.08 -16.72 -1.51
C ALA B 422 4.25 -16.15 -0.35
N GLU B 423 3.46 -15.12 -0.65
CA GLU B 423 2.76 -14.37 0.39
C GLU B 423 1.23 -14.34 0.24
N GLY B 424 0.70 -14.78 -0.88
CA GLY B 424 -0.77 -14.77 -1.03
C GLY B 424 -1.40 -13.42 -0.80
N ILE B 425 -0.84 -12.37 -1.41
CA ILE B 425 -1.37 -11.03 -1.21
C ILE B 425 -2.47 -10.75 -2.26
N LEU B 426 -3.68 -10.56 -1.75
CA LEU B 426 -4.84 -10.30 -2.59
C LEU B 426 -4.64 -9.03 -3.44
N GLY B 427 -5.12 -9.13 -4.70
CA GLY B 427 -5.09 -8.03 -5.65
C GLY B 427 -3.96 -8.12 -6.65
N CYS B 428 -2.95 -8.96 -6.36
CA CYS B 428 -1.77 -9.12 -7.21
C CYS B 428 -2.04 -9.44 -8.66
N GLY B 429 -3.12 -10.14 -8.96
CA GLY B 429 -3.24 -10.84 -10.23
C GLY B 429 -3.28 -9.92 -11.45
N PHE B 430 -4.18 -8.94 -11.47
CA PHE B 430 -4.29 -8.05 -12.62
C PHE B 430 -2.96 -7.30 -12.94
N PRO B 431 -2.35 -6.63 -11.95
CA PRO B 431 -1.10 -5.92 -12.28
C PRO B 431 0.08 -6.85 -12.57
N MET B 432 0.17 -8.01 -11.89
CA MET B 432 1.20 -8.97 -12.26
C MET B 432 1.00 -9.45 -13.69
N ALA B 433 -0.26 -9.62 -14.11
CA ALA B 433 -0.55 -10.04 -15.50
C ALA B 433 -0.07 -8.98 -16.48
N LEU B 434 -0.30 -7.69 -16.16
CA LEU B 434 0.19 -6.61 -17.03
C LEU B 434 1.72 -6.60 -17.11
N GLY B 435 2.40 -6.83 -15.98
CA GLY B 435 3.88 -6.92 -16.00
C GLY B 435 4.38 -8.09 -16.82
N ALA B 436 3.74 -9.24 -16.67
CA ALA B 436 4.09 -10.41 -17.47
C ALA B 436 3.87 -10.14 -18.95
N GLN B 437 2.76 -9.47 -19.28
CA GLN B 437 2.48 -9.13 -20.69
C GLN B 437 3.55 -8.22 -21.28
N LEU B 438 3.99 -7.22 -20.49
CA LEU B 438 5.06 -6.31 -20.93
C LEU B 438 6.35 -7.05 -21.19
N ALA B 439 6.62 -8.05 -20.38
CA ALA B 439 7.83 -8.86 -20.54
C ALA B 439 7.80 -9.81 -21.73
N GLU B 440 6.60 -10.30 -22.03
CA GLU B 440 6.36 -11.38 -23.03
C GLU B 440 5.29 -10.96 -24.00
N PRO B 441 5.63 -10.01 -24.89
CA PRO B 441 4.69 -9.47 -25.82
C PRO B 441 4.17 -10.56 -26.82
N ASN B 442 4.90 -11.65 -27.01
CA ASN B 442 4.44 -12.74 -27.90
C ASN B 442 3.48 -13.75 -27.22
N SER B 443 3.27 -13.62 -25.93
CA SER B 443 2.36 -14.50 -25.16
C SER B 443 0.97 -13.91 -25.09
N ARG B 444 -0.06 -14.77 -25.21
CA ARG B 444 -1.36 -14.43 -24.67
C ARG B 444 -1.35 -14.68 -23.16
N VAL B 445 -1.94 -13.75 -22.42
CA VAL B 445 -1.98 -13.79 -20.93
C VAL B 445 -3.42 -13.90 -20.52
N PHE B 446 -3.76 -14.98 -19.87
CA PHE B 446 -5.10 -15.26 -19.34
C PHE B 446 -5.08 -15.16 -17.81
N LEU B 447 -5.86 -14.24 -17.28
CA LEU B 447 -6.01 -14.06 -15.83
C LEU B 447 -7.36 -14.59 -15.39
N GLY B 448 -7.35 -15.49 -14.40
CA GLY B 448 -8.57 -15.86 -13.67
C GLY B 448 -8.51 -15.19 -12.32
N THR B 449 -9.40 -14.23 -12.08
CA THR B 449 -9.39 -13.47 -10.86
C THR B 449 -10.74 -13.53 -10.17
N GLY B 450 -10.69 -13.63 -8.86
CA GLY B 450 -11.88 -13.39 -8.06
C GLY B 450 -12.32 -11.92 -8.16
N ASP B 451 -13.57 -11.66 -7.80
CA ASP B 451 -14.12 -10.34 -7.71
C ASP B 451 -13.53 -9.51 -6.57
N GLY B 452 -13.37 -10.11 -5.40
CA GLY B 452 -12.73 -9.40 -4.31
C GLY B 452 -11.30 -8.94 -4.67
N ALA B 453 -10.61 -9.81 -5.38
CA ALA B 453 -9.24 -9.50 -5.87
C ALA B 453 -9.24 -8.38 -6.89
N LEU B 454 -10.10 -8.45 -7.90
CA LEU B 454 -10.05 -7.48 -9.00
C LEU B 454 -10.30 -6.05 -8.50
N TYR B 455 -11.09 -5.94 -7.44
CA TYR B 455 -11.34 -4.66 -6.82
C TYR B 455 -10.06 -3.87 -6.52
N TYR B 456 -8.94 -4.52 -6.18
CA TYR B 456 -7.75 -3.80 -5.79
C TYR B 456 -7.16 -2.90 -6.86
N HIS B 457 -6.82 -3.49 -8.02
CA HIS B 457 -5.98 -2.77 -9.01
C HIS B 457 -6.59 -2.72 -10.41
N PHE B 458 -7.92 -2.83 -10.51
CA PHE B 458 -8.55 -2.64 -11.82
C PHE B 458 -8.40 -1.21 -12.34
N ASN B 459 -8.08 -0.26 -11.46
CA ASN B 459 -7.66 1.09 -11.92
C ASN B 459 -6.52 1.05 -12.93
N GLU B 460 -5.73 -0.01 -12.92
CA GLU B 460 -4.67 -0.20 -13.92
C GLU B 460 -5.16 -0.54 -15.31
N PHE B 461 -6.49 -0.64 -15.53
CA PHE B 461 -6.98 -0.73 -16.89
C PHE B 461 -6.51 0.43 -17.72
N ARG B 462 -6.27 1.61 -17.13
CA ARG B 462 -5.77 2.69 -17.96
C ARG B 462 -4.41 2.35 -18.61
N VAL B 463 -3.56 1.63 -17.90
CA VAL B 463 -2.28 1.17 -18.44
C VAL B 463 -2.51 0.13 -19.52
N ALA B 464 -3.35 -0.85 -19.24
CA ALA B 464 -3.60 -1.92 -20.21
C ALA B 464 -4.10 -1.35 -21.54
N VAL B 465 -5.01 -0.35 -21.47
CA VAL B 465 -5.59 0.23 -22.68
C VAL B 465 -4.56 1.12 -23.40
N GLU B 466 -3.90 2.02 -22.67
CA GLU B 466 -2.96 2.97 -23.32
C GLU B 466 -1.81 2.22 -23.94
N HIS B 467 -1.28 1.24 -23.24
CA HIS B 467 -0.09 0.52 -23.68
C HIS B 467 -0.39 -0.75 -24.47
N LYS B 468 -1.67 -1.00 -24.76
CA LYS B 468 -2.09 -2.08 -25.67
C LYS B 468 -1.57 -3.43 -25.15
N LEU B 469 -1.96 -3.74 -23.91
CA LEU B 469 -1.60 -4.97 -23.22
C LEU B 469 -2.85 -5.85 -23.17
N PRO B 470 -3.02 -6.76 -24.15
CA PRO B 470 -4.34 -7.40 -24.35
C PRO B 470 -4.53 -8.63 -23.45
N VAL B 471 -4.36 -8.44 -22.14
CA VAL B 471 -4.67 -9.48 -21.16
C VAL B 471 -6.14 -9.85 -21.26
N ILE B 472 -6.41 -11.15 -21.22
CA ILE B 472 -7.76 -11.67 -21.21
C ILE B 472 -8.11 -12.04 -19.76
N THR B 473 -8.91 -11.20 -19.12
CA THR B 473 -9.30 -11.38 -17.73
C THR B 473 -10.70 -11.97 -17.61
N MET B 474 -10.79 -13.10 -16.90
CA MET B 474 -12.05 -13.68 -16.45
C MET B 474 -12.25 -13.26 -14.99
N VAL B 475 -13.28 -12.47 -14.72
CA VAL B 475 -13.64 -12.14 -13.34
C VAL B 475 -14.75 -13.08 -12.88
N PHE B 476 -14.39 -13.92 -11.91
CA PHE B 476 -15.28 -14.91 -11.34
C PHE B 476 -16.12 -14.23 -10.25
N THR B 477 -17.42 -14.04 -10.52
CA THR B 477 -18.26 -13.29 -9.58
C THR B 477 -19.04 -14.23 -8.68
N ASN B 478 -18.91 -14.01 -7.37
CA ASN B 478 -19.75 -14.62 -6.36
C ASN B 478 -20.22 -13.65 -5.26
N GLU B 479 -19.94 -12.37 -5.46
CA GLU B 479 -20.34 -11.31 -4.52
C GLU B 479 -19.85 -11.65 -3.10
N SER B 480 -18.64 -12.20 -3.05
CA SER B 480 -18.09 -12.68 -1.82
C SER B 480 -16.57 -12.86 -1.88
N TYR B 481 -15.97 -12.78 -0.70
CA TYR B 481 -14.65 -13.35 -0.42
C TYR B 481 -14.98 -14.84 -0.16
N GLY B 482 -15.12 -15.62 -1.23
CA GLY B 482 -15.75 -16.94 -1.11
C GLY B 482 -14.96 -17.92 -0.27
N ALA B 483 -13.65 -17.88 -0.33
CA ALA B 483 -12.88 -18.77 0.56
C ALA B 483 -13.27 -18.54 2.01
N ASN B 484 -13.39 -17.27 2.38
CA ASN B 484 -13.70 -16.90 3.77
C ASN B 484 -15.18 -17.17 4.13
N TRP B 485 -16.10 -16.94 3.20
CA TRP B 485 -17.50 -17.31 3.43
C TRP B 485 -17.57 -18.78 3.79
N THR B 486 -16.90 -19.59 2.98
CA THR B 486 -16.97 -21.05 3.12
C THR B 486 -16.32 -21.51 4.41
N LEU B 487 -15.12 -21.02 4.68
CA LEU B 487 -14.39 -21.44 5.88
C LEU B 487 -15.04 -20.92 7.16
N MET B 488 -15.48 -19.70 7.22
CA MET B 488 -16.13 -19.18 8.41
C MET B 488 -17.47 -19.89 8.68
N ASN B 489 -18.23 -20.19 7.63
CA ASN B 489 -19.50 -20.94 7.83
C ASN B 489 -19.17 -22.23 8.53
N HIS B 490 -18.11 -22.92 8.12
CA HIS B 490 -17.73 -24.14 8.73
C HIS B 490 -17.20 -23.96 10.17
N GLN B 491 -16.35 -22.96 10.39
CA GLN B 491 -15.70 -22.75 11.65
C GLN B 491 -16.64 -22.31 12.74
N PHE B 492 -17.58 -21.41 12.42
CA PHE B 492 -18.42 -20.72 13.38
C PHE B 492 -19.91 -20.93 13.18
N GLY B 493 -20.28 -21.47 12.02
CA GLY B 493 -21.68 -21.54 11.65
C GLY B 493 -22.23 -20.27 11.02
N GLN B 494 -21.37 -19.28 10.77
CA GLN B 494 -21.77 -17.98 10.30
C GLN B 494 -20.57 -17.29 9.68
N ASN B 495 -20.79 -16.75 8.49
CA ASN B 495 -19.80 -15.84 7.84
C ASN B 495 -19.95 -14.43 8.35
N ASN B 496 -18.85 -13.69 8.45
CA ASN B 496 -18.90 -12.26 8.77
C ASN B 496 -17.78 -11.57 8.00
N TRP B 497 -18.07 -10.40 7.45
CA TRP B 497 -17.09 -9.55 6.70
C TRP B 497 -16.78 -10.13 5.29
N THR B 498 -17.62 -11.02 4.79
CA THR B 498 -17.31 -11.71 3.53
C THR B 498 -18.09 -11.26 2.31
N GLU B 499 -19.24 -10.62 2.50
CA GLU B 499 -20.13 -10.34 1.39
C GLU B 499 -20.01 -8.91 0.92
N PHE B 500 -20.18 -8.67 -0.39
CA PHE B 500 -20.14 -7.34 -0.95
C PHE B 500 -20.86 -7.31 -2.29
N MET B 501 -21.15 -6.08 -2.73
CA MET B 501 -21.72 -5.87 -4.09
C MET B 501 -20.61 -5.68 -5.12
N ASN B 502 -20.91 -6.11 -6.35
CA ASN B 502 -20.09 -5.84 -7.51
C ASN B 502 -20.67 -4.70 -8.33
N PRO B 503 -19.81 -3.93 -9.00
CA PRO B 503 -20.31 -3.05 -10.05
C PRO B 503 -20.71 -3.91 -11.26
N ASP B 504 -21.32 -3.29 -12.25
CA ASP B 504 -21.47 -3.88 -13.59
C ASP B 504 -20.05 -3.90 -14.19
N TRP B 505 -19.35 -5.04 -14.12
CA TRP B 505 -17.99 -5.12 -14.55
C TRP B 505 -17.86 -4.89 -16.06
N VAL B 506 -18.87 -5.27 -16.84
CA VAL B 506 -18.87 -4.96 -18.28
C VAL B 506 -18.85 -3.44 -18.51
N GLY B 507 -19.67 -2.73 -17.76
CA GLY B 507 -19.72 -1.29 -17.81
C GLY B 507 -18.41 -0.66 -17.37
N ILE B 508 -17.74 -1.23 -16.37
CA ILE B 508 -16.40 -0.76 -15.98
C ILE B 508 -15.41 -0.89 -17.14
N ALA B 509 -15.36 -2.06 -17.75
CA ALA B 509 -14.42 -2.30 -18.85
C ALA B 509 -14.69 -1.32 -20.00
N LYS B 510 -15.95 -1.19 -20.38
CA LYS B 510 -16.32 -0.28 -21.45
C LYS B 510 -15.99 1.16 -21.16
N ALA B 511 -16.11 1.59 -19.91
CA ALA B 511 -15.78 2.97 -19.52
C ALA B 511 -14.28 3.26 -19.70
N PHE B 512 -13.45 2.21 -19.67
CA PHE B 512 -12.00 2.34 -19.91
C PHE B 512 -11.63 2.12 -21.38
N GLY B 513 -12.58 1.76 -22.26
CA GLY B 513 -12.23 1.38 -23.64
C GLY B 513 -11.68 -0.02 -23.78
N ALA B 514 -11.87 -0.88 -22.76
CA ALA B 514 -11.54 -2.31 -22.85
C ALA B 514 -12.72 -3.09 -23.45
N TYR B 515 -12.46 -4.29 -23.91
CA TYR B 515 -13.56 -5.18 -24.33
C TYR B 515 -14.23 -5.72 -23.07
N GLY B 516 -15.55 -5.70 -23.02
CA GLY B 516 -16.29 -6.26 -21.89
C GLY B 516 -17.42 -7.15 -22.34
N GLU B 517 -17.65 -8.28 -21.67
CA GLU B 517 -18.78 -9.14 -21.97
C GLU B 517 -19.11 -9.93 -20.70
N SER B 518 -20.42 -10.12 -20.42
CA SER B 518 -20.88 -11.02 -19.36
C SER B 518 -21.52 -12.26 -19.92
N VAL B 519 -21.23 -13.40 -19.29
CA VAL B 519 -21.87 -14.66 -19.66
C VAL B 519 -22.96 -15.00 -18.63
N ARG B 520 -23.33 -14.08 -17.75
CA ARG B 520 -24.39 -14.32 -16.71
C ARG B 520 -25.69 -14.89 -17.27
N GLU B 521 -26.08 -14.37 -18.44
CA GLU B 521 -27.33 -14.74 -19.13
C GLU B 521 -27.13 -15.73 -20.23
N THR B 522 -25.97 -15.80 -20.83
CA THR B 522 -25.75 -16.64 -21.99
C THR B 522 -25.01 -17.94 -21.76
N GLY B 523 -24.16 -17.99 -20.74
CA GLY B 523 -23.25 -19.10 -20.52
C GLY B 523 -22.15 -19.30 -21.57
N ASP B 524 -21.99 -18.31 -22.46
CA ASP B 524 -21.16 -18.50 -23.66
C ASP B 524 -19.68 -18.15 -23.43
N ILE B 525 -19.04 -18.93 -22.58
CA ILE B 525 -17.63 -18.73 -22.27
C ILE B 525 -16.76 -18.82 -23.54
N ALA B 526 -17.01 -19.85 -24.36
CA ALA B 526 -16.22 -20.07 -25.56
C ALA B 526 -16.30 -18.87 -26.51
N GLY B 527 -17.52 -18.37 -26.74
CA GLY B 527 -17.71 -17.22 -27.60
C GLY B 527 -17.08 -15.97 -27.05
N ALA B 528 -17.22 -15.77 -25.74
CA ALA B 528 -16.66 -14.58 -25.11
C ALA B 528 -15.13 -14.57 -25.24
N LEU B 529 -14.52 -15.74 -25.05
CA LEU B 529 -13.05 -15.81 -25.24
C LEU B 529 -12.67 -15.44 -26.68
N GLN B 530 -13.40 -15.96 -27.67
CA GLN B 530 -13.10 -15.64 -29.05
C GLN B 530 -13.24 -14.16 -29.37
N ARG B 531 -14.36 -13.59 -28.95
CA ARG B 531 -14.60 -12.16 -29.16
C ARG B 531 -13.53 -11.31 -28.43
N ALA B 532 -13.14 -11.73 -27.23
CA ALA B 532 -12.16 -11.01 -26.46
C ALA B 532 -10.79 -11.00 -27.21
N ILE B 533 -10.40 -12.18 -27.63
CA ILE B 533 -9.14 -12.36 -28.38
C ILE B 533 -9.18 -11.53 -29.69
N ASP B 534 -10.27 -11.60 -30.43
CA ASP B 534 -10.36 -10.93 -31.71
C ASP B 534 -10.39 -9.43 -31.56
N SER B 535 -10.83 -8.92 -30.42
CA SER B 535 -10.88 -7.47 -30.22
C SER B 535 -9.50 -6.78 -30.23
N GLY B 536 -8.45 -7.52 -29.89
CA GLY B 536 -7.10 -7.00 -29.75
C GLY B 536 -6.92 -6.05 -28.55
N LYS B 537 -7.95 -5.93 -27.70
CA LYS B 537 -7.90 -5.05 -26.54
C LYS B 537 -7.66 -5.88 -25.27
N PRO B 538 -7.26 -5.22 -24.16
CA PRO B 538 -7.50 -5.86 -22.87
C PRO B 538 -8.99 -6.17 -22.76
N ALA B 539 -9.31 -7.30 -22.13
CA ALA B 539 -10.71 -7.78 -22.06
C ALA B 539 -11.09 -8.18 -20.66
N LEU B 540 -12.39 -8.03 -20.38
CA LEU B 540 -12.95 -8.46 -19.11
C LEU B 540 -14.21 -9.26 -19.40
N ILE B 541 -14.19 -10.52 -18.98
CA ILE B 541 -15.31 -11.44 -19.18
C ILE B 541 -15.87 -11.79 -17.77
N GLU B 542 -17.10 -11.38 -17.51
CA GLU B 542 -17.76 -11.58 -16.23
C GLU B 542 -18.42 -12.98 -16.22
N ILE B 543 -17.94 -13.84 -15.30
CA ILE B 543 -18.35 -15.23 -15.23
C ILE B 543 -18.86 -15.52 -13.80
N PRO B 544 -20.19 -15.65 -13.61
CA PRO B 544 -20.70 -16.03 -12.29
C PRO B 544 -20.27 -17.44 -11.88
N VAL B 545 -19.89 -17.59 -10.60
CA VAL B 545 -19.43 -18.86 -10.04
C VAL B 545 -20.06 -19.04 -8.67
N SER B 546 -19.93 -20.22 -8.09
CA SER B 546 -20.41 -20.42 -6.70
C SER B 546 -19.50 -19.73 -5.66
N LYS B 547 -20.04 -19.59 -4.45
CA LYS B 547 -19.27 -19.06 -3.32
C LYS B 547 -18.24 -20.06 -2.80
N THR B 548 -18.44 -21.35 -3.14
CA THR B 548 -17.75 -22.43 -2.44
C THR B 548 -16.71 -23.23 -3.26
N GLN B 549 -16.85 -23.25 -4.57
CA GLN B 549 -15.98 -24.09 -5.40
C GLN B 549 -14.53 -23.64 -5.24
N GLY B 550 -13.62 -24.60 -5.06
CA GLY B 550 -12.20 -24.34 -5.09
C GLY B 550 -11.48 -24.61 -3.79
N LEU B 551 -10.59 -23.69 -3.39
CA LEU B 551 -9.65 -23.88 -2.30
C LEU B 551 -10.28 -24.43 -1.06
N ALA B 552 -11.39 -23.86 -0.62
CA ALA B 552 -11.95 -24.21 0.68
C ALA B 552 -12.73 -25.50 0.63
N SER B 553 -12.99 -26.08 -0.54
CA SER B 553 -13.83 -27.27 -0.63
C SER B 553 -13.38 -28.48 -1.42
N ASP B 554 -12.65 -28.28 -2.50
CA ASP B 554 -12.37 -29.38 -3.42
C ASP B 554 -11.26 -30.27 -2.83
N PRO B 555 -11.47 -31.60 -2.86
CA PRO B 555 -10.52 -32.54 -2.31
C PRO B 555 -9.41 -32.82 -3.30
N VAL B 556 -8.15 -32.40 -2.98
CA VAL B 556 -6.99 -32.70 -3.85
C VAL B 556 -5.90 -33.47 -3.11
N GLY B 557 -6.24 -34.09 -1.98
CA GLY B 557 -5.27 -34.86 -1.18
C GLY B 557 -4.39 -34.05 -0.24
N GLY B 558 -4.79 -32.80 0.02
CA GLY B 558 -4.04 -31.95 0.90
C GLY B 558 -4.13 -32.35 2.35
N VAL B 559 -3.12 -31.98 3.14
CA VAL B 559 -3.09 -32.16 4.59
C VAL B 559 -3.06 -30.87 5.40
N GLY B 560 -2.84 -29.74 4.73
CA GLY B 560 -2.72 -28.45 5.39
C GLY B 560 -2.99 -27.34 4.40
N PRO B 561 -2.57 -26.09 4.70
CA PRO B 561 -2.05 -25.66 6.01
C PRO B 561 -3.20 -25.59 7.02
N ASN B 562 -2.92 -25.10 8.20
CA ASN B 562 -3.90 -25.07 9.30
C ASN B 562 -4.72 -23.72 9.30
N LEU B 563 -5.55 -23.53 8.31
CA LEU B 563 -6.27 -22.22 8.20
C LEU B 563 -7.23 -22.13 9.44
N LEU B 564 -7.79 -23.27 9.86
CA LEU B 564 -8.90 -23.34 10.85
C LEU B 564 -8.34 -23.83 12.14
N LEU B 565 -7.36 -23.08 12.60
CA LEU B 565 -6.60 -23.34 13.74
C LEU B 565 -7.51 -23.52 14.97
N LYS B 566 -7.17 -24.46 15.83
CA LYS B 566 -7.87 -24.66 17.05
C LYS B 566 -7.11 -24.04 18.23
N GLY B 567 -7.80 -23.30 19.03
CA GLY B 567 -7.22 -22.70 20.23
C GLY B 567 -6.91 -23.72 21.29
N ARG B 568 -6.04 -23.36 22.21
CA ARG B 568 -5.71 -24.10 23.43
C ARG B 568 -6.11 -23.25 24.63
N GLU B 569 -6.42 -23.93 25.72
CA GLU B 569 -6.60 -23.27 27.02
C GLU B 569 -5.21 -23.03 27.64
N ILE B 570 -4.91 -21.78 27.96
CA ILE B 570 -3.61 -21.35 28.43
C ILE B 570 -3.71 -21.03 29.92
N PRO B 571 -2.74 -21.47 30.74
CA PRO B 571 -2.77 -21.11 32.18
C PRO B 571 -2.57 -19.64 32.40
N VAL B 572 -3.17 -19.08 33.44
CA VAL B 572 -2.82 -17.72 33.87
C VAL B 572 -1.37 -17.73 34.46
N ASP B 573 -0.82 -16.53 34.57
CA ASP B 573 0.50 -16.38 35.17
C ASP B 573 0.43 -16.63 36.63
N THR B 574 1.56 -17.03 37.19
CA THR B 574 1.64 -17.23 38.65
C THR B 574 2.60 -16.19 39.23
N GLY B 575 2.70 -16.18 40.53
CA GLY B 575 3.42 -15.10 41.22
C GLY B 575 2.42 -13.98 41.56
N GLY B 576 2.84 -13.02 42.28
CA GLY B 576 1.85 -12.08 42.73
C GLY B 576 1.66 -10.92 41.79
N SER B 577 2.34 -10.88 40.64
CA SER B 577 2.28 -9.60 39.86
C SER B 577 0.88 -9.42 39.28
N MET B 578 0.48 -8.16 39.14
CA MET B 578 -0.87 -7.80 38.76
C MET B 578 -0.97 -7.35 37.31
N TYR B 579 -2.22 -7.22 36.85
CA TYR B 579 -2.51 -6.55 35.55
C TYR B 579 -2.56 -5.02 35.74
N PRO B 580 -2.34 -4.27 34.65
CA PRO B 580 -2.58 -2.83 34.72
C PRO B 580 -4.02 -2.57 35.16
N GLY B 581 -4.20 -1.57 36.02
CA GLY B 581 -5.50 -1.17 36.52
C GLY B 581 -6.05 -2.08 37.63
N GLU B 582 -5.44 -3.22 37.88
CA GLU B 582 -5.93 -4.17 38.92
C GLU B 582 -5.87 -3.51 40.30
N ASN B 583 -4.99 -2.50 40.49
CA ASN B 583 -4.93 -1.80 41.77
C ASN B 583 -6.30 -1.35 42.26
N LEU B 584 -7.14 -0.89 41.36
CA LEU B 584 -8.43 -0.36 41.73
C LEU B 584 -9.35 -1.44 42.24
N LEU B 585 -9.14 -2.67 41.86
CA LEU B 585 -10.00 -3.79 42.31
C LEU B 585 -9.67 -4.23 43.76
N HIS B 586 -8.49 -3.90 44.28
CA HIS B 586 -8.04 -4.32 45.63
C HIS B 586 -8.33 -3.26 46.68
N LEU B 587 -8.85 -2.13 46.22
CA LEU B 587 -8.95 -0.88 46.98
C LEU B 587 -7.89 0.24 46.69
N LYS B 588 -8.11 0.91 45.58
CA LYS B 588 -8.28 2.33 45.62
C LYS B 588 -8.66 2.70 47.11
MG MG C . -5.50 16.22 -13.03
CL CL D . -4.86 -15.45 2.92
PA FAD E . -1.29 20.40 13.45
O1A FAD E . -2.74 20.72 13.27
O2A FAD E . -0.64 19.42 12.56
O5B FAD E . -0.96 19.97 14.94
C5B FAD E . -1.62 20.58 16.04
C4B FAD E . -0.65 21.46 16.84
O4B FAD E . -1.38 21.97 17.98
C3B FAD E . 0.53 20.70 17.43
O3B FAD E . 1.70 21.54 17.58
C2B FAD E . -0.03 20.19 18.76
O2B FAD E . 0.94 19.82 19.73
C1B FAD E . -0.83 21.42 19.20
N9A FAD E . -1.95 21.14 20.12
C8A FAD E . -2.84 20.06 20.09
N7A FAD E . -3.76 20.20 21.05
C5A FAD E . -3.48 21.42 21.69
C6A FAD E . -4.08 22.09 22.77
N6A FAD E . -5.12 21.60 23.47
N1A FAD E . -3.57 23.31 23.12
C2A FAD E . -2.45 23.77 22.49
N3A FAD E . -1.80 23.17 21.48
C4A FAD E . -2.36 22.01 21.10
N1 FAD E . -0.99 24.31 5.87
C2 FAD E . -1.12 25.67 6.05
O2 FAD E . -1.23 26.15 7.18
N3 FAD E . -1.15 26.51 4.93
C4 FAD E . -1.13 26.09 3.64
O4 FAD E . -1.18 26.93 2.70
C4X FAD E . -1.00 24.67 3.47
N5 FAD E . -0.93 24.19 2.21
C5X FAD E . -0.81 22.83 2.04
C6 FAD E . -0.78 22.30 0.74
C7 FAD E . -0.67 20.91 0.53
C7M FAD E . -0.67 20.38 -0.88
C8 FAD E . -0.58 20.05 1.63
C8M FAD E . -0.45 18.57 1.45
C9 FAD E . -0.62 20.57 2.92
C9A FAD E . -0.75 21.93 3.14
N10 FAD E . -0.84 22.47 4.44
C10 FAD E . -0.93 23.83 4.60
C1' FAD E . -0.88 21.66 5.66
C2' FAD E . 0.45 21.51 6.40
O2' FAD E . 1.32 20.60 5.71
C3' FAD E . 0.26 21.09 7.87
O3' FAD E . -0.50 19.89 7.87
C4' FAD E . -0.42 22.16 8.75
O4' FAD E . 0.03 23.50 8.48
C5' FAD E . -0.13 21.87 10.20
O5' FAD E . -1.01 22.65 11.03
P FAD E . -0.67 23.14 12.50
O1P FAD E . 0.64 23.85 12.54
O2P FAD E . -1.85 23.90 13.00
O3P FAD E . -0.43 21.79 13.34
N1' TPP F . 2.23 9.85 -5.54
C2' TPP F . 1.73 9.97 -4.25
CM2 TPP F . 1.31 8.77 -3.57
N3' TPP F . 1.61 11.13 -3.64
C4' TPP F . 2.00 12.24 -4.30
N4' TPP F . 1.95 13.41 -3.61
C5' TPP F . 2.49 12.21 -5.67
C6' TPP F . 2.60 10.97 -6.23
C7' TPP F . 2.95 13.46 -6.42
N3 TPP F . 1.86 14.38 -6.82
C2 TPP F . 1.52 15.42 -6.13
S1 TPP F . 0.32 16.41 -6.80
C5 TPP F . 0.21 15.30 -8.11
C4 TPP F . 1.10 14.29 -7.95
CM4 TPP F . 1.35 13.22 -8.99
C6 TPP F . -0.80 15.58 -9.17
C7 TPP F . -2.11 14.89 -8.91
O7 TPP F . -2.94 14.92 -10.11
PA TPP F . -4.48 15.30 -9.99
O1A TPP F . -5.06 15.06 -11.37
O2A TPP F . -5.14 14.61 -8.84
O3A TPP F . -4.46 16.86 -9.67
PB TPP F . -4.11 18.19 -10.59
O1B TPP F . -2.65 18.55 -10.34
O2B TPP F . -5.06 19.21 -9.99
O3B TPP F . -4.40 17.81 -12.04
C1 MPD G . 1.97 20.18 -3.59
C2 MPD G . 1.77 19.79 -5.04
O2 MPD G . 1.86 18.35 -5.10
CM MPD G . 0.39 20.14 -5.55
C3 MPD G . 2.78 20.45 -5.94
C4 MPD G . 4.24 20.31 -5.60
O4 MPD G . 4.51 18.93 -5.64
C5 MPD G . 5.20 20.98 -6.61
C1 MPD H . -20.54 27.64 5.66
C2 MPD H . -20.37 28.91 4.84
O2 MPD H . -19.27 29.66 5.47
CM MPD H . -20.15 28.51 3.38
C3 MPD H . -21.58 29.85 4.82
C4 MPD H . -21.34 31.14 3.99
O4 MPD H . -20.05 31.73 4.14
C5 MPD H . -21.54 30.97 2.50
P PO4 I . -1.52 -26.54 -23.35
O1 PO4 I . -0.90 -27.58 -22.44
O2 PO4 I . -0.55 -25.37 -23.50
O3 PO4 I . -2.87 -26.07 -22.80
O4 PO4 I . -1.69 -27.25 -24.71
CL CL J . 3.78 15.97 -3.74
MG MG K . -15.27 -13.84 -4.85
PA FAD L . 10.76 -20.97 -5.09
O1A FAD L . 10.35 -21.08 -6.52
O2A FAD L . 10.07 -19.97 -4.23
O5B FAD L . 12.34 -20.70 -4.95
C5B FAD L . 13.26 -21.34 -5.81
C4B FAD L . 14.09 -22.39 -5.09
O4B FAD L . 15.05 -22.91 -6.06
C3B FAD L . 14.91 -21.83 -3.94
O3B FAD L . 15.13 -22.80 -2.89
C2B FAD L . 16.19 -21.40 -4.65
O2B FAD L . 17.32 -21.23 -3.81
C1B FAD L . 16.37 -22.54 -5.65
N9A FAD L . 17.14 -22.22 -6.82
C8A FAD L . 17.12 -21.07 -7.58
N7A FAD L . 17.92 -21.19 -8.69
C5A FAD L . 18.43 -22.47 -8.63
C6A FAD L . 19.33 -23.18 -9.45
N6A FAD L . 19.92 -22.62 -10.53
N1A FAD L . 19.59 -24.47 -9.11
C2A FAD L . 19.10 -24.99 -7.95
N3A FAD L . 18.26 -24.37 -7.10
C4A FAD L . 17.95 -23.11 -7.48
N1 FAD L . 2.93 -24.14 -3.99
C2 FAD L . 2.95 -25.45 -4.32
O2 FAD L . 3.98 -26.04 -4.61
N3 FAD L . 1.76 -26.20 -4.25
C4 FAD L . 0.54 -25.65 -3.96
O4 FAD L . -0.51 -26.37 -3.97
C4X FAD L . 0.53 -24.25 -3.67
N5 FAD L . -0.64 -23.63 -3.39
C5X FAD L . -0.64 -22.27 -3.12
C6 FAD L . -1.83 -21.65 -2.83
C7 FAD L . -1.88 -20.29 -2.55
C7M FAD L . -3.21 -19.61 -2.25
C8 FAD L . -0.68 -19.54 -2.56
C8M FAD L . -0.64 -18.05 -2.28
C9 FAD L . 0.52 -20.18 -2.86
C9A FAD L . 0.56 -21.54 -3.15
N10 FAD L . 1.78 -22.20 -3.48
C10 FAD L . 1.77 -23.55 -3.72
C1' FAD L . 3.05 -21.45 -3.64
C2' FAD L . 3.98 -21.55 -2.42
O2' FAD L . 3.54 -20.65 -1.37
C3' FAD L . 5.44 -21.26 -2.79
O3' FAD L . 5.46 -19.98 -3.41
C4' FAD L . 6.09 -22.32 -3.70
O4' FAD L . 5.74 -23.66 -3.31
C5' FAD L . 7.60 -22.23 -3.58
O5' FAD L . 8.18 -22.96 -4.67
P FAD L . 9.60 -23.65 -4.59
O1P FAD L . 9.75 -24.49 -3.36
O2P FAD L . 9.84 -24.33 -5.90
O3P FAD L . 10.66 -22.44 -4.38
N1' TPP M . -6.16 -9.02 2.23
C2' TPP M . -5.02 -9.20 1.51
CM2 TPP M . -4.22 -8.04 1.10
N3' TPP M . -4.55 -10.41 1.21
C4' TPP M . -5.25 -11.53 1.61
N4' TPP M . -4.70 -12.69 1.36
C5' TPP M . -6.52 -11.39 2.27
C6' TPP M . -6.91 -10.12 2.57
C7' TPP M . -7.33 -12.59 2.74
N3 TPP M . -7.98 -13.39 1.62
C2 TPP M . -7.42 -14.47 1.12
S1 TPP M . -8.37 -15.22 -0.07
C5 TPP M . -9.56 -13.97 0.11
C4 TPP M . -9.19 -13.10 1.07
CM4 TPP M . -10.05 -11.99 1.54
C6 TPP M . -10.79 -14.03 -0.72
C7 TPP M . -10.63 -13.20 -2.00
O7 TPP M . -11.93 -13.10 -2.63
PA TPP M . -12.05 -13.29 -4.20
O1A TPP M . -13.44 -12.89 -4.55
O2A TPP M . -10.95 -12.62 -4.95
O3A TPP M . -11.89 -14.87 -4.39
PB TPP M . -12.88 -16.14 -4.01
O1B TPP M . -12.43 -16.66 -2.67
O2B TPP M . -12.54 -17.11 -5.12
O3B TPP M . -14.29 -15.61 -4.05
#